data_4JFS
#
_entry.id   4JFS
#
_cell.length_a   68.430
_cell.length_b   95.770
_cell.length_c   97.111
_cell.angle_alpha   90.000
_cell.angle_beta   90.810
_cell.angle_gamma   90.000
#
_symmetry.space_group_name_H-M   'P 1 21 1'
#
loop_
_entity.id
_entity.type
_entity.pdbx_description
1 polymer alpha-L-fucosidase
2 non-polymer (2S,3S,4R,5S)-2-(4-methoxyphenyl)-1,5-dimethylpyrrolidine-3,4-diol
3 non-polymer IMIDAZOLE
4 non-polymer 'SULFATE ION'
5 non-polymer GLYCEROL
6 non-polymer '4-(2-HYDROXYETHYL)-1-PIPERAZINE ETHANESULFONIC ACID'
7 water water
#
_entity_poly.entity_id   1
_entity_poly.type   'polypeptide(L)'
_entity_poly.pdbx_seq_one_letter_code
;EIPLKYGATNEGKRQDPAMQKFRDNRLGAFIHWGLYAIPGGEWNGKVYGGAAEWLKSWAKVPADEWLKLMDQWNPTKFDA
KKWAKMAKEMGTKYVKITTKHHEGFCLWPSKYTKYTVANTPYKRDILGELVKAYNDEGIDVHFYFSVMDWSNPDYRYDIK
SKEDSIAFSRFLEFTDNQLKELATRYPTVKDFWFDGTWDASVKKNGWWTAHAEQMLKELVPGVAINSRLRADDKGKRHFD
SNGRLMGDYESGYERRLPDPVKDLKVTQWDWEACMTIPENQWGYHKDWSLSYVKTPIEVIDRIVHAVSMGGNMVVNFGPQ
ADGDFRPEEKAMATAIGKWMNRYGKAVYACDYAGFEKQDWGYYTRGKNDEVYMVVFNQPYSERLIVKTPKGITVEKATLL
TTGEDITVVETTRNEYNVSVPKKNPGEPYVIQLKVRAAKGTKSIYRDALT
;
_entity_poly.pdbx_strand_id   A,B
#
loop_
_chem_comp.id
_chem_comp.type
_chem_comp.name
_chem_comp.formula
16Z non-polymer (2S,3S,4R,5S)-2-(4-methoxyphenyl)-1,5-dimethylpyrrolidine-3,4-diol 'C13 H19 N O3'
EPE non-polymer '4-(2-HYDROXYETHYL)-1-PIPERAZINE ETHANESULFONIC ACID' 'C8 H18 N2 O4 S'
GOL non-polymer GLYCEROL 'C3 H8 O3'
IMD non-polymer IMIDAZOLE 'C3 H5 N2 1'
SO4 non-polymer 'SULFATE ION' 'O4 S -2'
#
# COMPACT_ATOMS: atom_id res chain seq x y z
N GLU A 1 42.08 -12.76 -17.10
CA GLU A 1 40.62 -12.51 -17.35
C GLU A 1 39.92 -13.83 -17.53
N ILE A 2 39.04 -14.12 -16.60
CA ILE A 2 38.23 -15.33 -16.63
C ILE A 2 36.89 -14.88 -17.24
N PRO A 3 36.47 -15.48 -18.36
CA PRO A 3 35.19 -15.08 -18.93
C PRO A 3 34.02 -15.58 -18.07
N LEU A 4 33.03 -14.73 -17.86
CA LEU A 4 31.97 -15.05 -16.91
C LEU A 4 30.67 -14.52 -17.47
N LYS A 5 29.64 -15.35 -17.37
CA LYS A 5 28.31 -14.91 -17.69
C LYS A 5 27.58 -14.24 -16.52
N TYR A 6 27.93 -14.55 -15.27
CA TYR A 6 27.14 -14.10 -14.10
C TYR A 6 27.99 -13.33 -13.10
N GLY A 7 28.99 -12.63 -13.64
CA GLY A 7 29.92 -11.85 -12.86
C GLY A 7 29.41 -10.45 -12.75
N ALA A 8 30.28 -9.53 -12.40
CA ALA A 8 29.85 -8.13 -12.27
C ALA A 8 29.38 -7.59 -13.61
N THR A 9 28.50 -6.59 -13.53
CA THR A 9 28.12 -5.76 -14.66
C THR A 9 28.38 -4.26 -14.36
N ASN A 10 28.04 -3.73 -13.16
CA ASN A 10 28.45 -2.36 -12.75
C ASN A 10 30.02 -2.28 -12.79
N GLU A 11 30.54 -1.23 -13.40
CA GLU A 11 31.94 -0.81 -13.21
C GLU A 11 31.88 0.48 -12.38
N GLY A 12 32.45 0.46 -11.19
CA GLY A 12 32.48 1.63 -10.35
C GLY A 12 31.10 1.86 -9.74
N LYS A 13 30.97 2.99 -9.10
CA LYS A 13 29.82 3.29 -8.27
C LYS A 13 28.67 3.75 -9.15
N ARG A 14 27.46 3.28 -8.87
CA ARG A 14 26.31 3.82 -9.55
C ARG A 14 26.19 5.30 -9.17
N GLN A 15 25.82 6.12 -10.14
CA GLN A 15 25.64 7.54 -9.82
C GLN A 15 24.25 8.10 -10.21
N ASP A 16 23.32 7.23 -10.56
CA ASP A 16 21.94 7.66 -10.69
C ASP A 16 21.39 8.17 -9.33
N PRO A 17 20.31 8.95 -9.36
CA PRO A 17 19.82 9.57 -8.14
C PRO A 17 19.41 8.57 -7.06
N ALA A 18 18.92 7.43 -7.46
CA ALA A 18 18.50 6.46 -6.48
C ALA A 18 19.72 5.94 -5.72
N MET A 19 20.84 5.67 -6.40
CA MET A 19 22.00 5.26 -5.64
C MET A 19 22.58 6.39 -4.80
N GLN A 20 22.52 7.62 -5.30
CA GLN A 20 22.98 8.75 -4.51
C GLN A 20 22.20 8.93 -3.23
N LYS A 21 20.89 8.71 -3.30
CA LYS A 21 20.03 8.75 -2.13
C LYS A 21 20.35 7.62 -1.14
N PHE A 22 20.56 6.41 -1.65
CA PHE A 22 20.98 5.31 -0.80
C PHE A 22 22.21 5.67 0.02
N ARG A 23 23.17 6.26 -0.67
CA ARG A 23 24.46 6.65 -0.11
C ARG A 23 24.31 7.84 0.86
N ASP A 24 23.67 8.91 0.41
CA ASP A 24 23.56 10.09 1.22
C ASP A 24 22.81 9.88 2.52
N ASN A 25 21.83 8.97 2.49
CA ASN A 25 21.14 8.58 3.71
C ASN A 25 22.12 8.35 4.88
N ARG A 26 23.17 7.58 4.60
CA ARG A 26 24.22 7.17 5.52
C ARG A 26 23.82 6.32 6.72
N LEU A 27 22.85 6.78 7.47
CA LEU A 27 22.48 6.10 8.72
C LEU A 27 21.10 5.42 8.64
N GLY A 28 21.09 4.12 8.91
CA GLY A 28 19.92 3.32 8.85
C GLY A 28 19.75 2.53 10.15
N ALA A 29 18.52 2.05 10.34
CA ALA A 29 18.23 1.01 11.33
C ALA A 29 17.90 -0.28 10.71
N PHE A 30 18.20 -1.37 11.43
CA PHE A 30 17.83 -2.70 10.99
C PHE A 30 16.76 -3.16 11.94
N ILE A 31 15.71 -3.80 11.41
CA ILE A 31 14.71 -4.48 12.26
C ILE A 31 14.80 -5.99 12.01
N HIS A 32 15.09 -6.76 13.05
CA HIS A 32 14.98 -8.25 13.03
C HIS A 32 13.81 -8.63 13.91
N TRP A 33 12.71 -9.01 13.26
CA TRP A 33 11.47 -9.34 13.93
C TRP A 33 10.89 -10.54 13.24
N GLY A 34 10.61 -11.57 14.05
CA GLY A 34 10.16 -12.87 13.51
C GLY A 34 9.72 -13.74 14.67
N LEU A 35 9.48 -15.00 14.41
CA LEU A 35 8.88 -15.85 15.49
C LEU A 35 9.85 -16.06 16.66
N TYR A 36 11.13 -16.00 16.35
CA TYR A 36 12.19 -16.02 17.35
C TYR A 36 12.02 -15.00 18.47
N ALA A 37 11.30 -13.87 18.25
CA ALA A 37 11.08 -12.91 19.33
C ALA A 37 10.28 -13.51 20.50
N ILE A 38 9.44 -14.45 20.19
CA ILE A 38 8.59 -15.10 21.18
C ILE A 38 9.41 -15.87 22.23
N PRO A 39 10.18 -16.90 21.84
CA PRO A 39 10.96 -17.57 22.88
C PRO A 39 12.14 -16.70 23.40
N GLY A 40 12.62 -15.78 22.57
CA GLY A 40 13.68 -14.85 23.02
C GLY A 40 14.97 -15.45 23.52
N GLY A 41 15.40 -16.50 22.84
CA GLY A 41 16.61 -17.16 23.17
C GLY A 41 16.47 -18.39 24.07
N GLU A 42 15.26 -18.66 24.54
CA GLU A 42 15.05 -19.70 25.54
C GLU A 42 14.11 -20.72 25.04
N TRP A 43 14.45 -22.00 25.24
CA TRP A 43 13.63 -23.11 24.78
C TRP A 43 13.59 -24.19 25.87
N ASN A 44 12.38 -24.42 26.37
CA ASN A 44 12.13 -25.46 27.34
C ASN A 44 13.09 -25.36 28.54
N GLY A 45 13.26 -24.18 29.06
CA GLY A 45 13.99 -23.99 30.30
C GLY A 45 15.49 -23.77 30.16
N LYS A 46 15.99 -23.77 28.92
N LYS A 46 15.99 -23.77 28.92
CA LYS A 46 17.38 -23.51 28.66
CA LYS A 46 17.38 -23.52 28.66
C LYS A 46 17.53 -22.26 27.83
C LYS A 46 17.53 -22.26 27.83
N VAL A 47 18.36 -21.34 28.34
CA VAL A 47 18.65 -20.08 27.66
C VAL A 47 19.90 -20.31 26.88
N TYR A 48 19.80 -20.20 25.58
CA TYR A 48 20.94 -20.43 24.71
C TYR A 48 21.64 -19.12 24.48
N GLY A 49 22.95 -19.18 24.53
CA GLY A 49 23.77 -18.02 24.36
C GLY A 49 23.97 -17.59 22.91
N GLY A 50 23.72 -18.45 21.95
CA GLY A 50 23.82 -18.02 20.54
C GLY A 50 22.73 -17.02 20.15
N ALA A 51 22.85 -16.49 18.93
CA ALA A 51 21.95 -15.46 18.43
C ALA A 51 20.51 -16.00 18.46
N ALA A 52 19.63 -15.21 19.04
CA ALA A 52 18.25 -15.62 19.29
C ALA A 52 17.52 -16.03 18.02
N GLU A 53 17.84 -15.38 16.90
CA GLU A 53 17.13 -15.65 15.68
C GLU A 53 17.49 -17.00 15.07
N TRP A 54 18.57 -17.59 15.55
CA TRP A 54 19.02 -18.95 15.21
C TRP A 54 18.63 -20.02 16.27
N LEU A 55 17.74 -19.69 17.20
CA LEU A 55 17.37 -20.66 18.27
C LEU A 55 16.80 -21.97 17.72
N LYS A 56 16.15 -21.93 16.55
CA LYS A 56 15.62 -23.16 15.96
C LYS A 56 16.74 -24.17 15.76
N SER A 57 17.88 -23.67 15.35
CA SER A 57 19.07 -24.45 15.18
C SER A 57 19.72 -24.82 16.55
N TRP A 58 19.94 -23.85 17.43
CA TRP A 58 20.59 -24.18 18.70
C TRP A 58 19.79 -25.24 19.48
N ALA A 59 18.47 -25.13 19.51
CA ALA A 59 17.64 -26.05 20.28
C ALA A 59 17.17 -27.27 19.45
N LYS A 60 17.61 -27.37 18.19
CA LYS A 60 17.23 -28.43 17.26
C LYS A 60 15.73 -28.66 17.19
N VAL A 61 14.99 -27.57 16.99
CA VAL A 61 13.53 -27.64 16.94
C VAL A 61 13.15 -28.02 15.50
N PRO A 62 12.30 -29.05 15.33
CA PRO A 62 11.74 -29.39 14.02
C PRO A 62 10.93 -28.19 13.48
N ALA A 63 10.95 -28.04 12.16
CA ALA A 63 10.26 -26.93 11.45
C ALA A 63 8.81 -26.76 11.85
N ASP A 64 8.08 -27.89 11.83
CA ASP A 64 6.67 -27.84 12.16
C ASP A 64 6.42 -27.30 13.57
N GLU A 65 7.27 -27.73 14.49
CA GLU A 65 7.13 -27.32 15.90
C GLU A 65 7.54 -25.88 16.05
N TRP A 66 8.62 -25.50 15.37
CA TRP A 66 9.04 -24.09 15.43
C TRP A 66 7.95 -23.14 14.90
N LEU A 67 7.36 -23.50 13.78
CA LEU A 67 6.39 -22.65 13.13
C LEU A 67 5.05 -22.56 13.82
N LYS A 68 4.79 -23.50 14.73
CA LYS A 68 3.67 -23.38 15.63
C LYS A 68 3.74 -22.18 16.49
N LEU A 69 4.88 -21.57 16.58
CA LEU A 69 4.98 -20.28 17.29
C LEU A 69 4.07 -19.20 16.72
N MET A 70 3.69 -19.35 15.47
CA MET A 70 2.69 -18.51 14.84
C MET A 70 1.42 -18.40 15.64
N ASP A 71 1.01 -19.48 16.31
CA ASP A 71 -0.22 -19.44 17.18
C ASP A 71 -0.06 -18.47 18.32
N GLN A 72 1.18 -18.07 18.63
CA GLN A 72 1.45 -17.08 19.71
C GLN A 72 1.79 -15.69 19.20
N TRP A 73 1.79 -15.51 17.90
CA TRP A 73 2.14 -14.21 17.32
C TRP A 73 0.99 -13.24 17.44
N ASN A 74 1.09 -12.34 18.41
CA ASN A 74 0.02 -11.38 18.66
C ASN A 74 0.58 -10.14 19.30
N PRO A 75 1.33 -9.40 18.50
CA PRO A 75 2.03 -8.23 19.05
C PRO A 75 1.11 -7.01 19.29
N THR A 76 0.38 -7.07 20.38
CA THR A 76 -0.71 -6.09 20.59
C THR A 76 -0.22 -4.68 20.76
N LYS A 77 1.01 -4.50 21.21
CA LYS A 77 1.58 -3.13 21.31
C LYS A 77 2.17 -2.57 20.00
N PHE A 78 2.20 -3.36 18.95
CA PHE A 78 2.75 -2.88 17.69
C PHE A 78 2.00 -1.67 17.18
N ASP A 79 2.73 -0.64 16.80
CA ASP A 79 2.15 0.55 16.22
C ASP A 79 3.16 1.11 15.22
N ALA A 80 2.87 0.95 13.94
CA ALA A 80 3.82 1.26 12.91
C ALA A 80 4.16 2.74 12.90
N LYS A 81 3.19 3.60 13.21
CA LYS A 81 3.52 5.03 13.35
C LYS A 81 4.52 5.30 14.45
N LYS A 82 4.42 4.57 15.56
CA LYS A 82 5.37 4.77 16.64
C LYS A 82 6.77 4.28 16.29
N TRP A 83 6.84 3.15 15.59
CA TRP A 83 8.11 2.66 15.10
C TRP A 83 8.74 3.72 14.22
N ALA A 84 7.98 4.27 13.29
CA ALA A 84 8.54 5.23 12.31
C ALA A 84 8.96 6.52 13.03
N LYS A 85 8.23 6.87 14.07
CA LYS A 85 8.60 8.03 14.83
C LYS A 85 9.90 7.79 15.61
N MET A 86 10.03 6.61 16.22
CA MET A 86 11.30 6.25 16.86
C MET A 86 12.47 6.37 15.91
N ALA A 87 12.31 5.80 14.72
CA ALA A 87 13.35 5.91 13.69
C ALA A 87 13.62 7.34 13.29
N LYS A 88 12.57 8.13 13.14
CA LYS A 88 12.78 9.55 12.75
C LYS A 88 13.56 10.28 13.83
N GLU A 89 13.21 10.09 15.09
CA GLU A 89 13.87 10.77 16.19
C GLU A 89 15.30 10.30 16.35
N MET A 90 15.58 9.05 16.04
CA MET A 90 16.94 8.58 16.04
C MET A 90 17.82 9.21 14.93
N GLY A 91 17.19 9.76 13.93
CA GLY A 91 17.93 10.34 12.81
C GLY A 91 18.23 9.31 11.74
N THR A 92 17.57 8.16 11.77
CA THR A 92 17.76 7.22 10.66
C THR A 92 17.05 7.74 9.38
N LYS A 93 17.67 7.56 8.23
CA LYS A 93 17.09 7.95 6.99
C LYS A 93 16.50 6.77 6.23
N TYR A 94 16.72 5.58 6.74
CA TYR A 94 16.17 4.38 6.18
C TYR A 94 16.16 3.27 7.20
N VAL A 95 15.31 2.28 6.95
CA VAL A 95 15.15 1.10 7.76
C VAL A 95 15.12 -0.15 6.88
N LYS A 96 15.93 -1.14 7.26
CA LYS A 96 16.01 -2.42 6.61
C LYS A 96 15.22 -3.38 7.48
N ILE A 97 14.27 -4.08 6.88
CA ILE A 97 13.33 -4.90 7.64
C ILE A 97 13.45 -6.35 7.23
N THR A 98 13.54 -7.26 8.20
CA THR A 98 13.50 -8.70 7.89
C THR A 98 12.10 -9.08 7.35
N THR A 99 11.96 -9.23 6.03
CA THR A 99 10.70 -9.66 5.48
C THR A 99 10.46 -11.13 5.76
N LYS A 100 11.53 -11.91 5.77
CA LYS A 100 11.50 -13.36 6.07
C LYS A 100 12.92 -13.73 6.48
N HIS A 101 13.11 -14.30 7.69
CA HIS A 101 14.43 -14.74 8.13
C HIS A 101 14.52 -16.27 7.81
N HIS A 102 15.59 -16.92 8.27
CA HIS A 102 15.84 -18.34 7.92
C HIS A 102 14.67 -19.22 8.26
N GLU A 103 13.97 -18.90 9.36
CA GLU A 103 12.85 -19.68 9.81
C GLU A 103 11.73 -19.77 8.78
N GLY A 104 11.58 -18.78 7.88
CA GLY A 104 10.63 -18.83 6.79
C GLY A 104 9.28 -18.18 7.00
N PHE A 105 9.06 -17.65 8.20
CA PHE A 105 7.87 -16.90 8.53
C PHE A 105 7.94 -15.51 7.88
N CYS A 106 6.88 -15.14 7.13
CA CYS A 106 6.82 -13.95 6.35
C CYS A 106 6.10 -12.88 7.10
N LEU A 107 6.67 -11.70 7.10
CA LEU A 107 6.02 -10.56 7.74
C LEU A 107 4.97 -9.86 6.86
N TRP A 108 4.81 -10.39 5.64
CA TRP A 108 3.76 -9.99 4.74
C TRP A 108 2.92 -11.21 4.39
N PRO A 109 1.65 -10.99 3.95
CA PRO A 109 0.76 -12.13 3.71
C PRO A 109 1.06 -12.81 2.40
N SER A 110 2.16 -13.53 2.34
CA SER A 110 2.52 -14.18 1.08
C SER A 110 1.45 -15.13 0.64
N LYS A 111 1.21 -15.18 -0.68
CA LYS A 111 0.27 -16.19 -1.17
C LYS A 111 1.01 -17.46 -1.48
N TYR A 112 2.34 -17.53 -1.27
CA TYR A 112 3.09 -18.73 -1.67
C TYR A 112 3.50 -19.67 -0.58
N THR A 113 3.08 -19.38 0.65
CA THR A 113 3.32 -20.27 1.76
C THR A 113 2.26 -19.95 2.78
N LYS A 114 1.96 -20.90 3.65
CA LYS A 114 1.06 -20.59 4.76
C LYS A 114 1.75 -20.03 5.98
N TYR A 115 3.07 -19.99 5.97
CA TYR A 115 3.81 -19.49 7.14
C TYR A 115 3.97 -17.98 7.13
N THR A 116 2.86 -17.29 7.42
CA THR A 116 2.83 -15.86 7.30
C THR A 116 2.00 -15.20 8.37
N VAL A 117 2.19 -13.90 8.49
CA VAL A 117 1.43 -13.07 9.42
C VAL A 117 -0.07 -13.22 9.27
N ALA A 118 -0.52 -13.57 8.06
CA ALA A 118 -1.97 -13.73 7.84
C ALA A 118 -2.51 -14.85 8.73
N ASN A 119 -1.73 -15.89 8.97
CA ASN A 119 -2.22 -17.07 9.69
C ASN A 119 -1.80 -17.07 11.14
N THR A 120 -1.92 -15.92 11.79
CA THR A 120 -1.57 -15.76 13.18
C THR A 120 -2.72 -15.05 13.78
N PRO A 121 -2.79 -14.98 15.10
CA PRO A 121 -3.91 -14.25 15.66
C PRO A 121 -3.92 -12.80 15.26
N TYR A 122 -2.76 -12.21 15.02
CA TYR A 122 -2.72 -10.82 14.76
C TYR A 122 -3.21 -10.48 13.37
N LYS A 123 -2.97 -11.40 12.43
CA LYS A 123 -3.50 -11.35 11.07
C LYS A 123 -2.91 -10.31 10.15
N ARG A 124 -2.62 -9.15 10.69
CA ARG A 124 -2.29 -7.99 9.89
C ARG A 124 -0.93 -8.02 9.18
N ASP A 125 -0.87 -7.26 8.09
CA ASP A 125 0.31 -7.17 7.24
C ASP A 125 1.27 -6.19 7.87
N ILE A 126 2.10 -6.73 8.76
CA ILE A 126 3.12 -5.95 9.43
C ILE A 126 4.03 -5.18 8.46
N LEU A 127 4.53 -5.86 7.47
CA LEU A 127 5.43 -5.25 6.52
C LEU A 127 4.76 -4.05 5.85
N GLY A 128 3.52 -4.24 5.39
CA GLY A 128 2.81 -3.20 4.68
C GLY A 128 2.57 -2.00 5.55
N GLU A 129 2.26 -2.25 6.83
CA GLU A 129 2.03 -1.14 7.74
C GLU A 129 3.31 -0.35 7.96
N LEU A 130 4.44 -1.04 8.12
CA LEU A 130 5.71 -0.37 8.29
C LEU A 130 6.08 0.42 7.04
N VAL A 131 5.91 -0.15 5.87
CA VAL A 131 6.29 0.54 4.67
C VAL A 131 5.61 1.91 4.65
N LYS A 132 4.31 1.90 4.87
CA LYS A 132 3.51 3.11 4.83
C LYS A 132 3.95 4.09 5.92
N ALA A 133 4.11 3.59 7.15
CA ALA A 133 4.46 4.46 8.26
C ALA A 133 5.84 5.09 8.10
N TYR A 134 6.82 4.31 7.67
CA TYR A 134 8.16 4.85 7.49
C TYR A 134 8.13 5.85 6.33
N ASN A 135 7.55 5.46 5.19
CA ASN A 135 7.52 6.34 4.01
C ASN A 135 6.82 7.69 4.39
N ASP A 136 5.78 7.63 5.22
CA ASP A 136 5.10 8.85 5.62
C ASP A 136 6.01 9.76 6.39
N GLU A 137 7.02 9.21 7.08
CA GLU A 137 8.00 10.03 7.78
C GLU A 137 9.18 10.41 6.90
N GLY A 138 9.13 10.13 5.61
CA GLY A 138 10.25 10.47 4.75
C GLY A 138 11.39 9.47 4.86
N ILE A 139 11.13 8.26 5.36
CA ILE A 139 12.19 7.24 5.61
C ILE A 139 12.11 6.14 4.53
N ASP A 140 13.19 5.87 3.86
CA ASP A 140 13.23 4.81 2.86
C ASP A 140 13.17 3.44 3.56
N VAL A 141 12.59 2.44 2.87
CA VAL A 141 12.50 1.09 3.40
C VAL A 141 13.27 0.15 2.45
N HIS A 142 14.08 -0.71 3.05
CA HIS A 142 14.86 -1.75 2.38
C HIS A 142 14.43 -3.06 2.93
N PHE A 143 14.49 -4.09 2.08
CA PHE A 143 13.99 -5.37 2.51
C PHE A 143 15.12 -6.38 2.64
N TYR A 144 15.28 -6.90 3.85
CA TYR A 144 16.12 -8.09 4.12
C TYR A 144 15.31 -9.31 3.69
N PHE A 145 15.98 -10.29 3.11
CA PHE A 145 15.32 -11.49 2.64
C PHE A 145 16.30 -12.66 2.69
N SER A 146 15.93 -13.71 3.41
CA SER A 146 16.73 -14.93 3.51
C SER A 146 16.37 -15.92 2.44
N VAL A 147 17.30 -16.24 1.56
CA VAL A 147 17.05 -17.23 0.55
C VAL A 147 16.91 -18.59 1.24
N MET A 148 17.90 -18.97 2.02
CA MET A 148 17.78 -20.15 2.89
C MET A 148 16.49 -20.06 3.72
N ASP A 149 15.71 -21.13 3.67
CA ASP A 149 14.36 -21.15 4.22
C ASP A 149 14.13 -22.52 4.83
N TRP A 150 14.18 -22.53 6.14
CA TRP A 150 13.99 -23.72 6.93
C TRP A 150 12.59 -24.29 6.95
N SER A 151 11.61 -23.54 6.44
CA SER A 151 10.21 -24.00 6.38
C SER A 151 9.81 -24.71 5.10
N ASN A 152 10.65 -24.66 4.07
CA ASN A 152 10.31 -25.18 2.77
C ASN A 152 11.15 -26.43 2.50
N PRO A 153 10.51 -27.57 2.44
CA PRO A 153 11.36 -28.74 2.35
C PRO A 153 11.99 -28.94 0.94
N ASP A 154 11.73 -28.07 -0.04
CA ASP A 154 12.48 -28.12 -1.28
C ASP A 154 13.81 -27.45 -1.17
N TYR A 155 14.06 -26.76 -0.06
CA TYR A 155 15.38 -26.17 0.12
C TYR A 155 16.43 -27.28 0.12
N ARG A 156 17.59 -27.01 -0.46
CA ARG A 156 18.73 -27.91 -0.34
C ARG A 156 19.97 -27.08 0.02
N TYR A 157 20.81 -27.67 0.88
CA TYR A 157 22.11 -27.12 1.27
C TYR A 157 23.19 -27.43 0.22
N ASP A 158 23.04 -28.56 -0.45
CA ASP A 158 23.88 -28.93 -1.61
C ASP A 158 23.05 -29.83 -2.52
N ILE A 159 23.52 -29.96 -3.75
CA ILE A 159 22.81 -30.71 -4.78
C ILE A 159 23.60 -31.99 -4.97
N LYS A 160 23.09 -33.11 -4.45
CA LYS A 160 23.84 -34.36 -4.48
C LYS A 160 23.20 -35.39 -5.44
N SER A 161 22.12 -35.02 -6.12
CA SER A 161 21.31 -35.97 -6.91
C SER A 161 20.43 -35.21 -7.92
N LYS A 162 19.92 -35.94 -8.91
CA LYS A 162 18.87 -35.46 -9.80
C LYS A 162 17.73 -34.92 -8.97
N GLU A 163 17.33 -35.66 -7.95
CA GLU A 163 16.16 -35.31 -7.17
C GLU A 163 16.36 -33.96 -6.44
N ASP A 164 17.58 -33.75 -5.94
CA ASP A 164 17.96 -32.50 -5.30
C ASP A 164 17.89 -31.38 -6.29
N SER A 165 18.35 -31.61 -7.51
CA SER A 165 18.36 -30.53 -8.52
CA SER A 165 18.35 -30.55 -8.52
C SER A 165 16.94 -30.10 -8.86
N ILE A 166 16.04 -31.07 -8.96
CA ILE A 166 14.65 -30.77 -9.29
C ILE A 166 13.96 -30.05 -8.13
N ALA A 167 14.15 -30.51 -6.91
CA ALA A 167 13.55 -29.84 -5.77
C ALA A 167 14.07 -28.41 -5.62
N PHE A 168 15.36 -28.26 -5.81
CA PHE A 168 15.95 -26.96 -5.69
C PHE A 168 15.50 -25.98 -6.79
N SER A 169 15.28 -26.44 -8.01
CA SER A 169 14.71 -25.57 -9.03
C SER A 169 13.37 -25.05 -8.62
N ARG A 170 12.58 -25.93 -8.01
CA ARG A 170 11.27 -25.58 -7.57
C ARG A 170 11.40 -24.58 -6.42
N PHE A 171 12.39 -24.81 -5.57
CA PHE A 171 12.66 -23.86 -4.48
C PHE A 171 12.96 -22.44 -5.00
N LEU A 172 13.75 -22.40 -6.05
CA LEU A 172 14.14 -21.12 -6.66
C LEU A 172 12.95 -20.39 -7.31
N GLU A 173 12.04 -21.16 -7.87
CA GLU A 173 10.82 -20.60 -8.42
C GLU A 173 9.93 -20.03 -7.31
N PHE A 174 9.81 -20.79 -6.24
CA PHE A 174 9.16 -20.30 -5.04
C PHE A 174 9.75 -19.00 -4.56
N THR A 175 11.06 -18.96 -4.50
CA THR A 175 11.78 -17.76 -4.08
C THR A 175 11.49 -16.58 -4.99
N ASP A 176 11.57 -16.80 -6.30
CA ASP A 176 11.20 -15.77 -7.24
C ASP A 176 9.78 -15.29 -7.01
N ASN A 177 8.88 -16.18 -6.71
CA ASN A 177 7.49 -15.75 -6.51
C ASN A 177 7.35 -14.81 -5.32
N GLN A 178 8.02 -15.13 -4.23
CA GLN A 178 7.94 -14.27 -3.07
C GLN A 178 8.62 -12.94 -3.36
N LEU A 179 9.72 -12.97 -4.09
CA LEU A 179 10.43 -11.73 -4.35
C LEU A 179 9.57 -10.78 -5.22
N LYS A 180 8.96 -11.35 -6.27
CA LYS A 180 8.04 -10.59 -7.12
C LYS A 180 6.89 -10.01 -6.34
N GLU A 181 6.40 -10.79 -5.38
CA GLU A 181 5.34 -10.36 -4.55
C GLU A 181 5.78 -9.15 -3.74
N LEU A 182 6.96 -9.22 -3.14
CA LEU A 182 7.47 -8.10 -2.33
C LEU A 182 7.64 -6.87 -3.18
N ALA A 183 8.19 -7.09 -4.38
CA ALA A 183 8.49 -5.93 -5.29
C ALA A 183 7.25 -5.21 -5.83
N THR A 184 6.15 -5.95 -5.97
CA THR A 184 4.92 -5.43 -6.53
C THR A 184 3.96 -4.95 -5.44
N ARG A 185 3.92 -5.62 -4.31
CA ARG A 185 3.09 -5.21 -3.24
C ARG A 185 3.60 -3.98 -2.54
N TYR A 186 4.91 -3.77 -2.55
CA TYR A 186 5.49 -2.67 -1.86
C TYR A 186 6.44 -1.90 -2.80
N PRO A 187 5.88 -1.23 -3.80
CA PRO A 187 6.71 -0.69 -4.89
C PRO A 187 7.61 0.45 -4.50
N THR A 188 7.44 1.03 -3.29
CA THR A 188 8.36 2.06 -2.82
C THR A 188 9.64 1.45 -2.23
N VAL A 189 9.78 0.11 -2.22
CA VAL A 189 11.02 -0.52 -1.70
C VAL A 189 12.26 0.01 -2.45
N LYS A 190 13.36 0.34 -1.73
CA LYS A 190 14.56 0.94 -2.34
C LYS A 190 15.75 -0.01 -2.46
N ASP A 191 15.67 -1.17 -1.81
CA ASP A 191 16.81 -2.09 -1.70
C ASP A 191 16.38 -3.49 -1.29
N PHE A 192 17.07 -4.51 -1.79
CA PHE A 192 16.92 -5.89 -1.28
C PHE A 192 18.28 -6.33 -0.80
N TRP A 193 18.29 -6.76 0.46
CA TRP A 193 19.46 -7.19 1.16
C TRP A 193 19.31 -8.67 1.44
N PHE A 194 20.01 -9.48 0.66
CA PHE A 194 19.91 -10.92 0.80
C PHE A 194 20.84 -11.52 1.82
N ASP A 195 20.35 -12.58 2.49
CA ASP A 195 21.09 -13.34 3.43
C ASP A 195 20.82 -14.80 3.05
N GLY A 196 21.53 -15.70 3.70
CA GLY A 196 21.23 -17.11 3.53
C GLY A 196 21.50 -17.55 2.10
N THR A 197 22.60 -17.07 1.54
CA THR A 197 22.98 -17.42 0.17
C THR A 197 24.40 -18.04 0.15
N TRP A 198 24.89 -18.51 1.30
CA TRP A 198 26.24 -19.04 1.38
C TRP A 198 26.31 -20.54 1.02
N ASP A 199 25.19 -21.26 0.97
CA ASP A 199 25.27 -22.74 0.84
C ASP A 199 25.74 -23.16 -0.55
N ALA A 200 26.27 -24.38 -0.64
CA ALA A 200 26.87 -24.91 -1.90
C ALA A 200 25.83 -24.89 -3.03
N SER A 201 24.58 -25.21 -2.65
CA SER A 201 23.45 -25.18 -3.60
C SER A 201 23.31 -23.86 -4.32
N VAL A 202 23.38 -22.76 -3.58
CA VAL A 202 23.28 -21.42 -4.16
C VAL A 202 24.53 -21.11 -4.95
N LYS A 203 25.69 -21.50 -4.41
CA LYS A 203 26.98 -21.22 -5.09
C LYS A 203 27.06 -21.93 -6.43
N LYS A 204 26.45 -23.10 -6.49
CA LYS A 204 26.34 -23.83 -7.76
C LYS A 204 25.34 -23.20 -8.68
N ASN A 205 24.49 -22.30 -8.18
CA ASN A 205 23.48 -21.67 -9.01
C ASN A 205 23.66 -20.14 -9.09
N GLY A 206 24.87 -19.74 -9.40
CA GLY A 206 25.20 -18.35 -9.60
C GLY A 206 24.26 -17.61 -10.52
N TRP A 207 23.90 -18.30 -11.61
CA TRP A 207 23.03 -17.76 -12.67
C TRP A 207 21.75 -17.23 -12.01
N TRP A 208 21.27 -17.94 -10.99
CA TRP A 208 20.00 -17.59 -10.34
C TRP A 208 20.19 -16.25 -9.59
N THR A 209 21.36 -16.08 -9.00
CA THR A 209 21.68 -14.85 -8.28
C THR A 209 21.74 -13.66 -9.22
N ALA A 210 22.31 -13.84 -10.40
CA ALA A 210 22.31 -12.76 -11.42
C ALA A 210 20.90 -12.45 -11.87
N HIS A 211 20.15 -13.53 -12.06
CA HIS A 211 18.76 -13.41 -12.50
C HIS A 211 17.91 -12.65 -11.45
N ALA A 212 18.11 -12.96 -10.17
CA ALA A 212 17.27 -12.33 -9.14
C ALA A 212 17.51 -10.83 -9.13
N GLU A 213 18.79 -10.48 -9.27
CA GLU A 213 19.20 -9.12 -9.36
C GLU A 213 18.54 -8.41 -10.54
N GLN A 214 18.60 -9.03 -11.72
CA GLN A 214 18.02 -8.39 -12.93
C GLN A 214 16.52 -8.28 -12.82
N MET A 215 15.91 -9.35 -12.31
CA MET A 215 14.47 -9.44 -12.23
C MET A 215 13.96 -8.33 -11.31
N LEU A 216 14.64 -8.10 -10.20
CA LEU A 216 14.14 -7.07 -9.24
C LEU A 216 14.39 -5.66 -9.79
N LYS A 217 15.51 -5.47 -10.46
CA LYS A 217 15.80 -4.18 -11.09
C LYS A 217 14.76 -3.80 -12.17
N GLU A 218 14.24 -4.80 -12.87
CA GLU A 218 13.18 -4.59 -13.87
C GLU A 218 11.89 -4.25 -13.22
N LEU A 219 11.63 -4.83 -12.04
CA LEU A 219 10.43 -4.53 -11.34
C LEU A 219 10.41 -3.25 -10.55
N VAL A 220 11.56 -2.84 -10.05
CA VAL A 220 11.69 -1.68 -9.17
C VAL A 220 12.76 -0.74 -9.70
N PRO A 221 12.34 0.35 -10.37
CA PRO A 221 13.35 1.22 -10.99
C PRO A 221 14.31 1.79 -9.96
N GLY A 222 15.61 1.64 -10.19
CA GLY A 222 16.65 2.15 -9.28
C GLY A 222 16.92 1.36 -7.97
N VAL A 223 16.29 0.23 -7.80
CA VAL A 223 16.46 -0.56 -6.58
C VAL A 223 17.93 -0.90 -6.41
N ALA A 224 18.40 -0.93 -5.17
CA ALA A 224 19.75 -1.45 -4.88
C ALA A 224 19.68 -2.91 -4.46
N ILE A 225 20.76 -3.62 -4.71
CA ILE A 225 20.85 -5.05 -4.40
C ILE A 225 22.21 -5.29 -3.78
N ASN A 226 22.26 -5.92 -2.59
CA ASN A 226 23.52 -6.12 -1.92
C ASN A 226 24.44 -7.22 -2.57
N SER A 227 25.75 -7.10 -2.36
CA SER A 227 26.73 -8.04 -2.85
C SER A 227 26.53 -9.45 -2.28
N ARG A 228 25.99 -9.55 -1.09
CA ARG A 228 25.88 -10.84 -0.45
C ARG A 228 25.01 -11.85 -1.23
N LEU A 229 24.08 -11.32 -2.04
CA LEU A 229 23.26 -12.15 -2.92
C LEU A 229 24.11 -12.95 -3.85
N ARG A 230 25.18 -12.33 -4.33
CA ARG A 230 25.68 -12.72 -5.64
C ARG A 230 26.77 -13.73 -5.57
N ALA A 231 26.62 -14.73 -6.41
CA ALA A 231 27.65 -15.71 -6.75
C ALA A 231 27.82 -15.79 -8.25
N ASP A 232 29.07 -15.89 -8.70
CA ASP A 232 29.34 -15.93 -10.15
C ASP A 232 29.36 -17.37 -10.66
N ASP A 233 29.79 -17.53 -11.91
CA ASP A 233 29.76 -18.82 -12.60
C ASP A 233 30.52 -19.87 -11.83
N LYS A 234 31.50 -19.44 -11.05
CA LYS A 234 32.39 -20.34 -10.33
C LYS A 234 31.98 -20.56 -8.93
N GLY A 235 30.95 -19.87 -8.47
CA GLY A 235 30.61 -19.97 -7.09
C GLY A 235 31.33 -18.95 -6.22
N LYS A 236 32.09 -18.03 -6.82
CA LYS A 236 32.77 -16.95 -6.05
C LYS A 236 31.70 -15.91 -5.61
N ARG A 237 31.66 -15.60 -4.32
CA ARG A 237 30.68 -14.68 -3.75
C ARG A 237 31.16 -13.23 -3.48
N HIS A 238 30.22 -12.29 -3.47
CA HIS A 238 30.46 -10.84 -3.28
C HIS A 238 31.27 -10.19 -4.40
N PHE A 239 32.50 -10.64 -4.59
CA PHE A 239 33.36 -10.17 -5.66
C PHE A 239 33.51 -11.38 -6.58
N ASP A 240 33.46 -11.14 -7.88
CA ASP A 240 33.53 -12.26 -8.81
C ASP A 240 34.97 -12.75 -9.01
N SER A 241 35.13 -13.77 -9.86
CA SER A 241 36.41 -14.38 -10.11
C SER A 241 37.47 -13.41 -10.74
N ASN A 242 37.05 -12.32 -11.36
CA ASN A 242 37.98 -11.28 -11.74
C ASN A 242 38.17 -10.17 -10.67
N GLY A 243 37.79 -10.45 -9.43
CA GLY A 243 37.84 -9.47 -8.36
C GLY A 243 36.91 -8.27 -8.48
N ARG A 244 35.85 -8.32 -9.29
CA ARG A 244 34.93 -7.19 -9.38
C ARG A 244 33.69 -7.39 -8.49
N LEU A 245 33.29 -6.29 -7.84
CA LEU A 245 32.12 -6.26 -6.97
C LEU A 245 30.80 -6.59 -7.75
N MET A 246 30.02 -7.52 -7.22
CA MET A 246 28.71 -7.85 -7.79
C MET A 246 27.64 -7.19 -6.94
N GLY A 247 26.45 -6.92 -7.51
CA GLY A 247 25.47 -6.09 -6.79
C GLY A 247 25.94 -4.64 -6.78
N ASP A 248 25.23 -3.82 -6.08
CA ASP A 248 25.39 -2.37 -6.12
C ASP A 248 26.26 -1.79 -5.00
N TYR A 249 26.48 -2.60 -3.96
CA TYR A 249 27.31 -2.19 -2.83
C TYR A 249 27.83 -3.39 -2.08
N GLU A 250 28.98 -3.22 -1.40
CA GLU A 250 29.59 -4.28 -0.66
C GLU A 250 28.96 -4.35 0.70
N SER A 251 28.66 -5.55 1.14
CA SER A 251 27.87 -5.75 2.30
C SER A 251 28.38 -6.84 3.24
N GLY A 252 29.67 -7.02 3.36
CA GLY A 252 30.23 -8.00 4.30
C GLY A 252 30.54 -7.51 5.72
N TYR A 253 30.60 -6.21 5.96
CA TYR A 253 31.08 -5.77 7.24
C TYR A 253 29.96 -5.90 8.20
N GLU A 254 30.12 -6.80 9.15
CA GLU A 254 29.03 -7.12 9.96
C GLU A 254 29.63 -7.32 11.29
N ARG A 255 29.34 -6.44 12.22
CA ARG A 255 29.99 -6.54 13.49
C ARG A 255 31.52 -6.19 13.48
N ARG A 256 32.03 -5.65 12.38
CA ARG A 256 33.44 -5.27 12.23
C ARG A 256 33.44 -4.11 11.18
N LEU A 257 34.55 -3.37 11.07
CA LEU A 257 34.66 -2.24 10.11
C LEU A 257 36.00 -2.22 9.48
N PRO A 258 36.13 -1.63 8.29
CA PRO A 258 37.43 -1.55 7.73
C PRO A 258 38.37 -0.64 8.52
N ASP A 259 39.64 -1.00 8.46
CA ASP A 259 40.69 -0.30 9.21
C ASP A 259 40.93 1.04 8.55
N PRO A 260 40.89 2.11 9.34
CA PRO A 260 40.99 3.44 8.76
C PRO A 260 42.33 3.77 8.07
N VAL A 261 43.38 3.02 8.41
CA VAL A 261 44.67 3.20 7.81
C VAL A 261 44.91 2.16 6.72
N LYS A 262 44.64 0.90 7.01
CA LYS A 262 44.97 -0.20 6.11
C LYS A 262 43.93 -0.56 5.06
N ASP A 263 42.67 -0.16 5.23
CA ASP A 263 41.61 -0.68 4.33
C ASP A 263 40.99 0.45 3.50
N LEU A 264 41.80 1.42 3.05
CA LEU A 264 41.27 2.50 2.22
C LEU A 264 40.74 2.02 0.87
N LYS A 265 40.96 0.75 0.51
CA LYS A 265 40.37 0.24 -0.74
C LYS A 265 38.83 0.35 -0.76
N VAL A 266 38.20 0.32 0.41
CA VAL A 266 36.75 0.42 0.47
C VAL A 266 36.19 1.73 -0.05
N THR A 267 37.00 2.75 -0.18
CA THR A 267 36.49 4.01 -0.64
C THR A 267 36.19 3.97 -2.13
N GLN A 268 36.59 2.89 -2.80
CA GLN A 268 36.40 2.72 -4.24
CA GLN A 268 36.40 2.77 -4.24
C GLN A 268 34.99 2.22 -4.61
N TRP A 269 34.22 1.74 -3.64
CA TRP A 269 32.88 1.23 -3.94
C TRP A 269 31.90 1.64 -2.84
N ASP A 270 30.61 1.66 -3.15
CA ASP A 270 29.64 1.85 -2.12
C ASP A 270 29.69 0.64 -1.24
N TRP A 271 29.40 0.87 0.04
CA TRP A 271 29.34 -0.25 0.94
C TRP A 271 28.52 0.17 2.19
N GLU A 272 28.07 -0.86 2.87
CA GLU A 272 27.15 -0.69 3.96
C GLU A 272 27.49 -1.70 5.04
N ALA A 273 27.69 -1.21 6.23
CA ALA A 273 27.94 -2.11 7.34
C ALA A 273 26.74 -2.20 8.15
N CYS A 274 26.59 -3.31 8.84
CA CYS A 274 25.51 -3.47 9.81
CA CYS A 274 25.49 -3.49 9.77
C CYS A 274 26.10 -3.90 11.12
N MET A 275 25.43 -3.54 12.22
CA MET A 275 25.95 -3.88 13.51
C MET A 275 24.88 -4.19 14.51
N THR A 276 25.25 -4.97 15.51
CA THR A 276 24.39 -5.26 16.65
C THR A 276 24.75 -4.44 17.86
N ILE A 277 23.81 -4.30 18.79
CA ILE A 277 24.08 -3.57 20.03
C ILE A 277 24.83 -4.45 21.04
N PRO A 278 24.29 -5.61 21.35
CA PRO A 278 25.15 -6.61 21.98
C PRO A 278 26.10 -7.22 20.99
N GLU A 279 26.90 -8.14 21.45
CA GLU A 279 27.96 -8.63 20.61
C GLU A 279 27.45 -9.36 19.38
N ASN A 280 26.46 -10.22 19.60
CA ASN A 280 25.95 -11.05 18.53
C ASN A 280 24.50 -11.54 18.78
N GLN A 281 23.57 -10.59 18.88
CA GLN A 281 22.13 -10.80 18.94
C GLN A 281 21.46 -9.88 17.96
N TRP A 282 20.77 -10.47 16.98
CA TRP A 282 20.00 -9.69 16.03
C TRP A 282 18.52 -9.69 16.38
N GLY A 283 17.94 -10.88 16.49
CA GLY A 283 16.59 -10.97 17.01
C GLY A 283 16.58 -10.72 18.53
N TYR A 284 15.41 -10.52 19.06
CA TYR A 284 15.25 -10.25 20.49
C TYR A 284 15.75 -11.42 21.32
N HIS A 285 16.76 -11.14 22.17
CA HIS A 285 17.17 -12.08 23.15
C HIS A 285 16.82 -11.50 24.52
N LYS A 286 16.22 -12.33 25.37
CA LYS A 286 15.75 -11.77 26.66
C LYS A 286 16.86 -11.42 27.62
N ASP A 287 18.05 -11.96 27.42
CA ASP A 287 19.13 -11.78 28.42
C ASP A 287 20.36 -11.12 27.81
N TRP A 288 20.38 -9.78 27.85
CA TRP A 288 21.55 -9.02 27.35
C TRP A 288 22.74 -8.98 28.29
N SER A 289 22.67 -9.63 29.49
CA SER A 289 23.83 -9.71 30.38
C SER A 289 24.80 -10.69 29.84
N LEU A 290 24.43 -11.49 28.86
CA LEU A 290 25.35 -12.54 28.42
C LEU A 290 26.56 -12.09 27.61
N SER A 291 26.53 -10.87 27.06
CA SER A 291 27.66 -10.39 26.26
C SER A 291 27.78 -8.91 26.43
N TYR A 292 28.87 -8.33 25.88
CA TYR A 292 29.08 -6.93 26.01
C TYR A 292 27.99 -6.17 25.19
N VAL A 293 27.41 -5.15 25.80
CA VAL A 293 26.42 -4.30 25.18
C VAL A 293 27.04 -2.89 24.95
N LYS A 294 27.12 -2.48 23.70
CA LYS A 294 27.74 -1.21 23.35
C LYS A 294 26.99 -0.05 23.89
N THR A 295 27.70 1.00 24.31
CA THR A 295 27.09 2.28 24.70
C THR A 295 26.80 3.14 23.48
N PRO A 296 26.00 4.20 23.65
CA PRO A 296 25.69 5.10 22.57
C PRO A 296 26.94 5.69 21.91
N ILE A 297 27.92 6.13 22.71
CA ILE A 297 29.15 6.66 22.10
C ILE A 297 29.89 5.64 21.28
N GLU A 298 29.93 4.40 21.77
CA GLU A 298 30.55 3.35 20.95
C GLU A 298 29.83 3.16 19.61
N VAL A 299 28.51 3.28 19.62
CA VAL A 299 27.77 3.11 18.42
C VAL A 299 28.01 4.30 17.50
N ILE A 300 28.01 5.50 18.07
CA ILE A 300 28.21 6.68 17.28
C ILE A 300 29.56 6.66 16.61
N ASP A 301 30.56 6.25 17.35
CA ASP A 301 31.90 6.10 16.83
C ASP A 301 31.90 5.22 15.54
N ARG A 302 31.20 4.09 15.57
CA ARG A 302 31.11 3.20 14.41
C ARG A 302 30.39 3.84 13.29
N ILE A 303 29.33 4.59 13.60
CA ILE A 303 28.62 5.25 12.53
C ILE A 303 29.55 6.24 11.79
N VAL A 304 30.20 7.09 12.58
CA VAL A 304 31.10 8.07 11.98
C VAL A 304 32.24 7.41 11.22
N HIS A 305 32.79 6.37 11.82
CA HIS A 305 33.86 5.58 11.23
C HIS A 305 33.45 5.13 9.82
N ALA A 306 32.28 4.51 9.72
CA ALA A 306 31.84 4.08 8.41
C ALA A 306 31.78 5.24 7.42
N VAL A 307 31.11 6.33 7.81
CA VAL A 307 30.95 7.46 6.86
C VAL A 307 32.30 8.03 6.44
N SER A 308 33.24 8.06 7.40
CA SER A 308 34.60 8.58 7.17
C SER A 308 35.32 7.75 6.10
N MET A 309 34.86 6.52 5.89
CA MET A 309 35.47 5.63 4.89
C MET A 309 34.53 5.35 3.73
N GLY A 310 33.55 6.23 3.58
CA GLY A 310 32.64 6.19 2.42
C GLY A 310 31.55 5.17 2.45
N GLY A 311 31.17 4.77 3.65
CA GLY A 311 30.19 3.70 3.83
C GLY A 311 29.00 4.08 4.70
N ASN A 312 27.92 3.31 4.56
CA ASN A 312 26.77 3.48 5.37
C ASN A 312 26.91 2.65 6.63
N MET A 313 26.15 3.00 7.65
CA MET A 313 26.02 2.16 8.82
C MET A 313 24.57 1.96 9.20
N VAL A 314 24.25 0.72 9.54
CA VAL A 314 22.94 0.31 9.90
C VAL A 314 22.96 -0.34 11.31
N VAL A 315 22.25 0.25 12.26
CA VAL A 315 22.22 -0.19 13.66
C VAL A 315 20.98 -1.06 13.89
N ASN A 316 21.22 -2.27 14.37
CA ASN A 316 20.15 -3.25 14.57
C ASN A 316 19.33 -3.13 15.85
N PHE A 317 18.02 -3.39 15.69
CA PHE A 317 17.02 -3.50 16.72
C PHE A 317 16.28 -4.82 16.60
N GLY A 318 15.98 -5.42 17.73
CA GLY A 318 15.29 -6.70 17.79
C GLY A 318 14.07 -6.50 18.64
N PRO A 319 12.94 -6.11 18.00
CA PRO A 319 11.75 -5.84 18.77
C PRO A 319 11.23 -7.02 19.56
N GLN A 320 10.64 -6.70 20.67
CA GLN A 320 10.00 -7.65 21.52
C GLN A 320 8.84 -8.31 20.81
N ALA A 321 8.47 -9.49 21.31
CA ALA A 321 7.28 -10.20 20.84
C ALA A 321 5.99 -9.40 20.86
N ASP A 322 5.83 -8.54 21.86
CA ASP A 322 4.64 -7.77 22.00
C ASP A 322 4.54 -6.57 21.02
N GLY A 323 5.61 -6.31 20.28
CA GLY A 323 5.63 -5.24 19.31
C GLY A 323 6.17 -3.91 19.79
N ASP A 324 6.66 -3.89 21.05
CA ASP A 324 7.36 -2.73 21.55
C ASP A 324 8.87 -3.00 21.50
N PHE A 325 9.65 -1.94 21.73
CA PHE A 325 11.13 -2.05 21.87
C PHE A 325 11.55 -2.08 23.33
N ARG A 326 12.56 -2.90 23.64
CA ARG A 326 13.17 -2.92 24.99
C ARG A 326 13.82 -1.58 25.38
N PRO A 327 13.89 -1.33 26.71
CA PRO A 327 14.31 -0.02 27.20
C PRO A 327 15.70 0.32 26.68
N GLU A 328 16.59 -0.67 26.57
CA GLU A 328 17.93 -0.39 26.13
C GLU A 328 17.95 0.19 24.71
N GLU A 329 17.07 -0.32 23.86
CA GLU A 329 17.02 0.12 22.47
C GLU A 329 16.34 1.49 22.37
N LYS A 330 15.32 1.72 23.18
CA LYS A 330 14.76 3.09 23.23
C LYS A 330 15.80 4.12 23.67
N ALA A 331 16.57 3.78 24.71
CA ALA A 331 17.63 4.70 25.17
C ALA A 331 18.66 4.90 24.08
N MET A 332 19.07 3.84 23.40
CA MET A 332 20.05 3.98 22.36
C MET A 332 19.59 4.88 21.24
N ALA A 333 18.36 4.65 20.76
CA ALA A 333 17.87 5.43 19.67
C ALA A 333 17.78 6.90 20.07
N THR A 334 17.34 7.15 21.29
CA THR A 334 17.21 8.53 21.76
C THR A 334 18.56 9.22 21.84
N ALA A 335 19.55 8.52 22.37
CA ALA A 335 20.91 9.06 22.49
C ALA A 335 21.54 9.30 21.12
N ILE A 336 21.40 8.36 20.20
CA ILE A 336 21.89 8.61 18.84
C ILE A 336 21.18 9.82 18.24
N GLY A 337 19.88 9.87 18.42
CA GLY A 337 19.13 10.96 17.82
C GLY A 337 19.59 12.33 18.31
N LYS A 338 19.81 12.44 19.61
CA LYS A 338 20.26 13.73 20.20
C LYS A 338 21.60 14.14 19.61
N TRP A 339 22.49 13.19 19.45
CA TRP A 339 23.80 13.49 18.84
C TRP A 339 23.67 13.87 17.41
N MET A 340 22.88 13.10 16.66
CA MET A 340 22.73 13.36 15.23
C MET A 340 22.06 14.70 14.98
N ASN A 341 21.16 15.08 15.85
CA ASN A 341 20.48 16.37 15.72
C ASN A 341 21.51 17.50 15.80
N ARG A 342 22.52 17.34 16.65
CA ARG A 342 23.56 18.35 16.82
C ARG A 342 24.65 18.31 15.77
N TYR A 343 25.08 17.09 15.42
CA TYR A 343 26.29 16.92 14.65
C TYR A 343 26.11 16.29 13.28
N GLY A 344 24.86 16.04 12.90
CA GLY A 344 24.57 15.26 11.73
C GLY A 344 25.03 15.87 10.44
N LYS A 345 25.30 17.17 10.43
CA LYS A 345 25.82 17.76 9.16
C LYS A 345 27.13 17.08 8.76
N ALA A 346 27.81 16.45 9.74
CA ALA A 346 29.05 15.75 9.46
C ALA A 346 28.86 14.26 9.05
N VAL A 347 27.60 13.82 9.01
CA VAL A 347 27.29 12.45 8.73
C VAL A 347 26.47 12.36 7.47
N TYR A 348 25.32 13.02 7.44
CA TYR A 348 24.42 12.89 6.30
C TYR A 348 25.12 13.47 5.07
N ALA A 349 25.09 12.69 3.99
CA ALA A 349 25.60 13.10 2.68
C ALA A 349 27.07 13.41 2.74
N CYS A 350 27.78 12.78 3.67
CA CYS A 350 29.19 13.00 3.78
C CYS A 350 29.90 11.79 3.24
N ASP A 351 31.22 11.91 3.12
CA ASP A 351 32.03 10.86 2.54
C ASP A 351 33.51 10.98 3.01
N TYR A 352 34.34 10.11 2.46
CA TYR A 352 35.74 10.04 2.73
C TYR A 352 36.39 11.35 2.39
N ALA A 353 37.25 11.83 3.29
CA ALA A 353 37.89 13.15 3.09
C ALA A 353 39.27 13.16 2.40
N GLY A 354 39.95 12.02 2.33
CA GLY A 354 41.29 11.92 1.74
C GLY A 354 42.43 12.44 2.64
N PHE A 355 42.21 12.57 3.95
CA PHE A 355 43.25 12.98 4.89
C PHE A 355 43.81 11.80 5.67
N GLU A 356 45.05 11.97 6.09
CA GLU A 356 45.72 11.01 6.92
CA GLU A 356 45.70 10.99 6.90
C GLU A 356 44.99 10.92 8.25
N LYS A 357 44.79 9.70 8.69
CA LYS A 357 44.05 9.42 9.91
C LYS A 357 44.79 9.97 11.12
N GLN A 358 44.07 10.66 12.02
CA GLN A 358 44.64 11.13 13.28
C GLN A 358 43.93 10.46 14.44
N ASP A 359 44.54 10.50 15.59
CA ASP A 359 44.08 9.75 16.74
C ASP A 359 42.87 10.32 17.45
N TRP A 360 42.60 11.59 17.23
CA TRP A 360 41.53 12.26 17.93
C TRP A 360 40.16 11.81 17.41
N GLY A 361 40.13 11.17 16.26
CA GLY A 361 38.85 10.81 15.67
C GLY A 361 38.88 10.70 14.16
N TYR A 362 37.80 11.16 13.52
CA TYR A 362 37.64 10.97 12.09
C TYR A 362 37.39 12.26 11.37
N TYR A 363 37.81 12.28 10.11
CA TYR A 363 37.35 13.28 9.20
C TYR A 363 36.18 12.78 8.35
N THR A 364 35.25 13.67 8.04
CA THR A 364 34.32 13.45 6.96
C THR A 364 34.26 14.68 6.06
N ARG A 365 33.84 14.45 4.83
CA ARG A 365 33.75 15.53 3.84
C ARG A 365 32.34 15.73 3.38
N GLY A 366 31.87 16.98 3.43
CA GLY A 366 30.54 17.34 2.97
C GLY A 366 30.52 17.59 1.46
N LYS A 367 29.36 17.96 0.94
CA LYS A 367 29.13 18.02 -0.51
C LYS A 367 29.79 19.23 -1.11
N ASN A 368 30.00 20.26 -0.31
CA ASN A 368 30.65 21.46 -0.79
C ASN A 368 32.05 21.62 -0.23
N ASP A 369 32.80 20.51 -0.15
CA ASP A 369 34.21 20.51 0.37
C ASP A 369 34.41 20.93 1.83
N GLU A 370 33.35 21.00 2.62
CA GLU A 370 33.52 21.07 4.06
C GLU A 370 34.35 19.86 4.51
N VAL A 371 35.29 20.09 5.44
CA VAL A 371 35.98 18.98 6.10
C VAL A 371 35.69 19.05 7.58
N TYR A 372 35.04 18.00 8.05
CA TYR A 372 34.62 17.93 9.41
C TYR A 372 35.59 17.10 10.21
N MET A 373 35.97 17.59 11.37
CA MET A 373 36.76 16.84 12.28
C MET A 373 35.81 16.37 13.34
N VAL A 374 35.67 15.04 13.46
CA VAL A 374 34.80 14.49 14.47
C VAL A 374 35.69 13.87 15.55
N VAL A 375 35.64 14.51 16.72
CA VAL A 375 36.59 14.26 17.77
C VAL A 375 36.00 13.34 18.79
N PHE A 376 36.58 12.17 18.90
CA PHE A 376 36.17 11.17 19.94
C PHE A 376 37.14 11.03 21.09
N ASN A 377 38.41 11.43 20.88
CA ASN A 377 39.52 11.25 21.85
C ASN A 377 40.27 12.59 22.02
N GLN A 378 40.03 13.20 23.19
CA GLN A 378 40.42 14.56 23.44
C GLN A 378 41.91 14.58 23.91
N PRO A 379 42.78 15.20 23.13
CA PRO A 379 44.20 15.28 23.53
C PRO A 379 44.45 16.13 24.76
N TYR A 380 45.20 15.56 25.73
CA TYR A 380 45.66 16.38 26.87
C TYR A 380 46.45 17.59 26.41
N SER A 381 47.08 17.49 25.25
CA SER A 381 47.84 18.60 24.74
C SER A 381 46.97 19.80 24.37
N GLU A 382 45.66 19.58 24.22
CA GLU A 382 44.70 20.57 23.78
C GLU A 382 44.93 21.06 22.40
N ARG A 383 45.58 20.25 21.60
CA ARG A 383 45.85 20.52 20.21
C ARG A 383 45.49 19.31 19.37
N LEU A 384 44.69 19.53 18.33
CA LEU A 384 44.26 18.48 17.41
C LEU A 384 45.07 18.57 16.14
N ILE A 385 45.86 17.56 15.89
CA ILE A 385 46.81 17.59 14.79
C ILE A 385 46.11 17.41 13.48
N VAL A 386 46.37 18.26 12.50
CA VAL A 386 45.82 18.08 11.20
C VAL A 386 46.93 18.16 10.19
N LYS A 387 47.18 17.04 9.52
CA LYS A 387 48.11 16.96 8.40
C LYS A 387 47.31 16.95 7.13
N THR A 388 47.50 17.96 6.32
CA THR A 388 46.77 18.13 5.08
C THR A 388 47.47 17.44 3.93
N PRO A 389 46.73 16.98 2.94
CA PRO A 389 47.39 16.51 1.73
C PRO A 389 48.18 17.61 1.02
N LYS A 390 49.05 17.18 0.11
CA LYS A 390 49.81 18.09 -0.75
C LYS A 390 48.87 19.10 -1.37
N GLY A 391 49.19 20.37 -1.27
CA GLY A 391 48.43 21.42 -1.93
C GLY A 391 47.21 21.92 -1.18
N ILE A 392 46.94 21.37 0.00
CA ILE A 392 45.74 21.75 0.70
C ILE A 392 46.13 22.57 1.92
N THR A 393 45.43 23.66 2.18
CA THR A 393 45.66 24.46 3.37
C THR A 393 44.40 24.64 4.14
N VAL A 394 44.54 24.89 5.44
CA VAL A 394 43.38 25.09 6.28
C VAL A 394 43.22 26.57 6.49
N GLU A 395 42.08 27.15 6.15
CA GLU A 395 41.89 28.58 6.23
C GLU A 395 41.14 28.97 7.44
N LYS A 396 40.33 28.08 7.99
CA LYS A 396 39.52 28.45 9.14
C LYS A 396 39.08 27.18 9.86
N ALA A 397 38.85 27.28 11.15
CA ALA A 397 38.19 26.21 11.87
C ALA A 397 37.12 26.83 12.68
N THR A 398 35.96 26.14 12.72
CA THR A 398 34.79 26.60 13.44
C THR A 398 34.21 25.49 14.26
N LEU A 399 33.83 25.77 15.49
CA LEU A 399 33.07 24.83 16.23
C LEU A 399 31.62 24.76 15.63
N LEU A 400 31.18 23.56 15.25
CA LEU A 400 29.94 23.39 14.50
C LEU A 400 28.77 23.88 15.29
N THR A 401 28.64 23.47 16.53
CA THR A 401 27.46 23.88 17.26
C THR A 401 27.31 25.37 17.41
N THR A 402 28.40 26.10 17.65
CA THR A 402 28.25 27.50 18.10
C THR A 402 28.76 28.46 17.09
N GLY A 403 29.44 27.99 16.07
CA GLY A 403 30.04 28.95 15.15
C GLY A 403 31.26 29.69 15.72
N GLU A 404 31.73 29.38 16.92
CA GLU A 404 32.96 30.03 17.40
C GLU A 404 34.22 29.69 16.54
N ASP A 405 35.08 30.66 16.37
CA ASP A 405 36.28 30.51 15.57
C ASP A 405 37.29 29.75 16.42
N ILE A 406 38.02 28.86 15.80
CA ILE A 406 38.95 28.03 16.53
C ILE A 406 40.32 28.31 15.98
N THR A 407 41.30 28.51 16.85
CA THR A 407 42.64 28.88 16.38
C THR A 407 43.33 27.73 15.66
N VAL A 408 43.93 28.05 14.53
CA VAL A 408 44.67 27.12 13.72
C VAL A 408 46.11 27.61 13.66
N VAL A 409 47.08 26.79 14.02
CA VAL A 409 48.47 27.20 14.01
C VAL A 409 49.24 26.25 13.14
N GLU A 410 50.03 26.78 12.25
CA GLU A 410 50.88 25.95 11.45
C GLU A 410 52.09 25.50 12.23
N THR A 411 52.39 24.21 12.22
CA THR A 411 53.50 23.71 13.03
C THR A 411 54.66 23.28 12.17
N THR A 412 54.37 22.69 11.02
CA THR A 412 55.38 22.39 10.03
C THR A 412 54.77 22.67 8.66
N ARG A 413 55.55 22.34 7.63
CA ARG A 413 55.17 22.32 6.21
C ARG A 413 53.72 21.79 5.93
N ASN A 414 53.37 20.61 6.38
CA ASN A 414 52.04 20.10 5.98
C ASN A 414 51.17 19.86 7.20
N GLU A 415 51.41 20.58 8.30
CA GLU A 415 50.74 20.24 9.51
C GLU A 415 50.33 21.45 10.29
N TYR A 416 49.17 21.32 10.97
CA TYR A 416 48.68 22.31 11.90
C TYR A 416 48.28 21.67 13.21
N ASN A 417 48.22 22.53 14.23
CA ASN A 417 47.50 22.24 15.43
C ASN A 417 46.24 23.07 15.35
N VAL A 418 45.09 22.39 15.40
CA VAL A 418 43.82 23.03 15.58
C VAL A 418 43.54 22.97 17.05
N SER A 419 43.24 24.09 17.68
CA SER A 419 43.01 24.08 19.11
CA SER A 419 42.99 24.08 19.11
C SER A 419 41.71 23.37 19.44
N VAL A 420 41.63 22.72 20.60
CA VAL A 420 40.36 22.28 21.12
C VAL A 420 39.58 23.52 21.51
N PRO A 421 38.26 23.41 21.64
CA PRO A 421 37.44 24.55 22.02
C PRO A 421 37.73 24.99 23.46
N LYS A 422 37.40 26.23 23.75
CA LYS A 422 37.80 26.87 25.00
C LYS A 422 37.14 26.10 26.13
N LYS A 423 35.89 25.70 25.92
CA LYS A 423 35.13 24.82 26.82
C LYS A 423 35.05 23.40 26.25
N ASN A 424 35.42 22.42 27.06
CA ASN A 424 35.36 21.04 26.65
C ASN A 424 33.92 20.70 26.32
N PRO A 425 33.64 20.23 25.10
CA PRO A 425 32.23 19.95 24.85
C PRO A 425 31.63 18.81 25.66
N GLY A 426 32.44 17.94 26.26
CA GLY A 426 31.90 16.89 27.12
C GLY A 426 31.30 15.69 26.39
N GLU A 427 31.46 15.63 25.08
CA GLU A 427 30.96 14.58 24.27
C GLU A 427 31.70 14.62 22.92
N PRO A 428 31.60 13.56 22.10
CA PRO A 428 32.24 13.67 20.80
C PRO A 428 31.69 14.86 20.05
N TYR A 429 32.54 15.60 19.37
CA TYR A 429 32.14 16.91 18.85
C TYR A 429 32.76 17.21 17.51
N VAL A 430 32.30 18.29 16.86
CA VAL A 430 32.67 18.52 15.45
C VAL A 430 33.25 19.89 15.31
N ILE A 431 34.39 19.94 14.62
CA ILE A 431 34.99 21.21 14.18
C ILE A 431 35.01 21.16 12.71
N GLN A 432 34.50 22.23 12.11
CA GLN A 432 34.43 22.29 10.67
C GLN A 432 35.53 23.14 10.13
N LEU A 433 36.26 22.59 9.17
CA LEU A 433 37.37 23.26 8.57
C LEU A 433 36.99 23.78 7.18
N LYS A 434 37.48 24.97 6.87
CA LYS A 434 37.45 25.54 5.51
C LYS A 434 38.82 25.32 4.96
N VAL A 435 38.91 24.58 3.88
CA VAL A 435 40.16 24.25 3.30
C VAL A 435 40.23 24.80 1.89
N ARG A 436 41.42 24.95 1.34
CA ARG A 436 41.61 25.56 0.02
C ARG A 436 42.62 24.72 -0.68
N ALA A 437 42.39 24.45 -1.95
CA ALA A 437 43.30 23.66 -2.74
C ALA A 437 43.99 24.59 -3.73
N ALA A 438 45.30 24.44 -3.87
CA ALA A 438 46.03 25.08 -4.99
C ALA A 438 45.51 24.66 -6.37
N GLU B 1 -18.08 -20.60 -31.20
CA GLU B 1 -17.13 -19.77 -30.37
C GLU B 1 -16.10 -18.98 -31.20
N ILE B 2 -15.91 -17.72 -30.79
CA ILE B 2 -14.85 -16.86 -31.29
C ILE B 2 -13.71 -17.02 -30.29
N PRO B 3 -12.53 -17.44 -30.74
CA PRO B 3 -11.45 -17.58 -29.77
C PRO B 3 -10.95 -16.21 -29.32
N LEU B 4 -10.71 -16.04 -28.02
CA LEU B 4 -10.35 -14.72 -27.48
C LEU B 4 -9.30 -14.88 -26.40
N LYS B 5 -8.30 -14.01 -26.43
CA LYS B 5 -7.33 -13.97 -25.36
C LYS B 5 -7.77 -13.11 -24.19
N TYR B 6 -8.63 -12.11 -24.42
CA TYR B 6 -8.92 -11.06 -23.41
C TYR B 6 -10.40 -10.96 -23.11
N GLY B 7 -11.05 -12.11 -23.22
CA GLY B 7 -12.48 -12.21 -23.01
C GLY B 7 -12.72 -12.58 -21.55
N ALA B 8 -13.92 -13.06 -21.26
CA ALA B 8 -14.27 -13.40 -19.89
C ALA B 8 -13.36 -14.44 -19.28
N THR B 9 -13.25 -14.33 -17.97
CA THR B 9 -12.46 -15.21 -17.16
C THR B 9 -13.40 -16.02 -16.27
N ASN B 10 -14.21 -15.33 -15.47
CA ASN B 10 -15.26 -15.96 -14.65
C ASN B 10 -16.34 -16.70 -15.52
N GLU B 11 -16.79 -17.86 -15.04
CA GLU B 11 -18.00 -18.49 -15.53
C GLU B 11 -19.03 -18.41 -14.39
N GLY B 12 -20.13 -17.69 -14.61
CA GLY B 12 -21.15 -17.57 -13.57
C GLY B 12 -20.68 -16.58 -12.52
N LYS B 13 -21.40 -16.52 -11.41
CA LYS B 13 -21.11 -15.57 -10.35
C LYS B 13 -19.94 -16.09 -9.49
N ARG B 14 -19.07 -15.18 -9.08
CA ARG B 14 -18.09 -15.52 -8.05
C ARG B 14 -18.79 -15.84 -6.78
N GLN B 15 -18.31 -16.86 -6.08
CA GLN B 15 -18.92 -17.21 -4.81
C GLN B 15 -17.92 -17.27 -3.63
N ASP B 16 -16.73 -16.73 -3.81
CA ASP B 16 -15.84 -16.50 -2.70
C ASP B 16 -16.46 -15.46 -1.72
N PRO B 17 -15.97 -15.47 -0.48
CA PRO B 17 -16.57 -14.60 0.54
C PRO B 17 -16.47 -13.13 0.20
N ALA B 18 -15.40 -12.73 -0.47
CA ALA B 18 -15.26 -11.31 -0.83
C ALA B 18 -16.37 -10.90 -1.81
N MET B 19 -16.68 -11.71 -2.82
CA MET B 19 -17.82 -11.38 -3.68
C MET B 19 -19.15 -11.44 -2.96
N GLN B 20 -19.32 -12.41 -2.05
CA GLN B 20 -20.56 -12.51 -1.27
CA GLN B 20 -20.56 -12.53 -1.24
C GLN B 20 -20.79 -11.27 -0.39
N LYS B 21 -19.73 -10.71 0.15
CA LYS B 21 -19.78 -9.46 0.90
C LYS B 21 -20.15 -8.26 -0.03
N PHE B 22 -19.54 -8.18 -1.22
CA PHE B 22 -19.82 -7.12 -2.15
C PHE B 22 -21.33 -7.12 -2.47
N ARG B 23 -21.85 -8.33 -2.68
CA ARG B 23 -23.26 -8.57 -3.02
C ARG B 23 -24.14 -8.30 -1.82
N ASP B 24 -23.85 -8.92 -0.68
CA ASP B 24 -24.71 -8.74 0.49
C ASP B 24 -24.82 -7.32 0.98
N ASN B 25 -23.76 -6.56 0.81
CA ASN B 25 -23.81 -5.17 1.16
C ASN B 25 -25.09 -4.46 0.60
N ARG B 26 -25.35 -4.69 -0.69
CA ARG B 26 -26.48 -4.16 -1.47
C ARG B 26 -26.56 -2.67 -1.69
N LEU B 27 -26.56 -1.90 -0.61
CA LEU B 27 -26.70 -0.45 -0.70
C LEU B 27 -25.38 0.29 -0.47
N GLY B 28 -25.02 1.10 -1.45
CA GLY B 28 -23.85 1.92 -1.36
C GLY B 28 -24.14 3.37 -1.63
N ALA B 29 -23.19 4.20 -1.25
CA ALA B 29 -23.12 5.59 -1.71
C ALA B 29 -21.95 5.84 -2.66
N PHE B 30 -22.10 6.81 -3.53
CA PHE B 30 -21.05 7.22 -4.43
C PHE B 30 -20.63 8.63 -3.97
N ILE B 31 -19.34 8.93 -3.97
CA ILE B 31 -18.80 10.24 -3.74
C ILE B 31 -18.07 10.74 -5.00
N HIS B 32 -18.58 11.82 -5.59
CA HIS B 32 -17.91 12.52 -6.70
C HIS B 32 -17.42 13.82 -6.13
N TRP B 33 -16.11 13.90 -5.90
CA TRP B 33 -15.51 15.08 -5.30
C TRP B 33 -14.20 15.30 -6.00
N GLY B 34 -14.05 16.53 -6.47
CA GLY B 34 -12.90 16.91 -7.29
C GLY B 34 -12.91 18.40 -7.51
N LEU B 35 -12.09 18.88 -8.41
CA LEU B 35 -11.93 20.34 -8.55
C LEU B 35 -13.19 21.02 -9.05
N TYR B 36 -13.96 20.28 -9.84
CA TYR B 36 -15.27 20.70 -10.26
C TYR B 36 -16.20 21.22 -9.15
N ALA B 37 -16.02 20.78 -7.89
CA ALA B 37 -16.85 21.25 -6.82
C ALA B 37 -16.71 22.73 -6.58
N ILE B 38 -15.54 23.27 -6.88
CA ILE B 38 -15.27 24.69 -6.74
C ILE B 38 -16.16 25.57 -7.61
N PRO B 39 -16.09 25.47 -8.94
CA PRO B 39 -16.94 26.33 -9.75
C PRO B 39 -18.43 25.90 -9.71
N GLY B 40 -18.68 24.62 -9.40
CA GLY B 40 -20.08 24.14 -9.21
C GLY B 40 -21.02 24.34 -10.36
N GLY B 41 -20.54 24.09 -11.57
CA GLY B 41 -21.33 24.24 -12.75
C GLY B 41 -21.26 25.60 -13.43
N GLU B 42 -20.52 26.55 -12.86
CA GLU B 42 -20.50 27.93 -13.35
C GLU B 42 -19.06 28.32 -13.70
N TRP B 43 -18.88 28.93 -14.86
CA TRP B 43 -17.57 29.35 -15.30
C TRP B 43 -17.59 30.77 -15.87
N ASN B 44 -16.79 31.68 -15.31
CA ASN B 44 -16.81 33.10 -15.76
C ASN B 44 -18.20 33.70 -15.85
N GLY B 45 -19.00 33.53 -14.81
CA GLY B 45 -20.30 34.19 -14.74
C GLY B 45 -21.40 33.47 -15.49
N LYS B 46 -21.12 32.38 -16.19
CA LYS B 46 -22.13 31.62 -16.88
C LYS B 46 -22.38 30.24 -16.23
N VAL B 47 -23.63 29.90 -16.00
CA VAL B 47 -24.03 28.59 -15.45
C VAL B 47 -24.31 27.63 -16.57
N TYR B 48 -23.60 26.53 -16.62
CA TYR B 48 -23.83 25.49 -17.60
C TYR B 48 -24.73 24.35 -17.03
N GLY B 49 -25.69 23.94 -17.84
CA GLY B 49 -26.67 22.92 -17.48
C GLY B 49 -26.10 21.51 -17.49
N GLY B 50 -25.05 21.26 -18.24
CA GLY B 50 -24.46 19.89 -18.22
C GLY B 50 -23.89 19.49 -16.85
N ALA B 51 -23.60 18.20 -16.72
CA ALA B 51 -23.07 17.63 -15.47
C ALA B 51 -21.84 18.42 -15.01
N ALA B 52 -21.86 18.87 -13.75
CA ALA B 52 -20.87 19.79 -13.23
C ALA B 52 -19.46 19.24 -13.34
N GLU B 53 -19.32 17.92 -13.19
CA GLU B 53 -18.00 17.34 -13.21
C GLU B 53 -17.36 17.38 -14.60
N TRP B 54 -18.16 17.65 -15.62
CA TRP B 54 -17.74 17.83 -17.03
C TRP B 54 -17.66 19.29 -17.42
N LEU B 55 -17.74 20.20 -16.46
CA LEU B 55 -17.67 21.66 -16.80
C LEU B 55 -16.48 22.07 -17.61
N LYS B 56 -15.34 21.41 -17.39
CA LYS B 56 -14.18 21.74 -18.18
C LYS B 56 -14.51 21.67 -19.68
N SER B 57 -15.27 20.65 -20.05
CA SER B 57 -15.70 20.45 -21.37
C SER B 57 -16.76 21.51 -21.79
N TRP B 58 -17.81 21.63 -21.00
CA TRP B 58 -18.90 22.54 -21.42
C TRP B 58 -18.41 23.97 -21.58
N ALA B 59 -17.53 24.41 -20.71
CA ALA B 59 -16.99 25.77 -20.77
C ALA B 59 -15.67 25.91 -21.57
N LYS B 60 -15.22 24.82 -22.18
CA LYS B 60 -13.98 24.84 -22.99
C LYS B 60 -12.80 25.46 -22.22
N VAL B 61 -12.51 24.93 -21.04
CA VAL B 61 -11.46 25.42 -20.23
C VAL B 61 -10.21 24.60 -20.54
N PRO B 62 -9.11 25.25 -20.94
CA PRO B 62 -7.84 24.55 -21.13
C PRO B 62 -7.40 23.85 -19.83
N ALA B 63 -6.75 22.71 -19.99
CA ALA B 63 -6.27 21.92 -18.85
C ALA B 63 -5.53 22.75 -17.80
N ASP B 64 -4.55 23.57 -18.25
CA ASP B 64 -3.72 24.29 -17.31
C ASP B 64 -4.54 25.26 -16.46
N GLU B 65 -5.49 25.89 -17.11
CA GLU B 65 -6.36 26.82 -16.45
C GLU B 65 -7.35 26.08 -15.52
N TRP B 66 -7.91 24.97 -15.99
CA TRP B 66 -8.80 24.17 -15.11
C TRP B 66 -8.05 23.72 -13.83
N LEU B 67 -6.83 23.25 -14.00
CA LEU B 67 -6.09 22.67 -12.91
C LEU B 67 -5.59 23.68 -11.90
N LYS B 68 -5.59 24.94 -12.28
CA LYS B 68 -5.28 26.01 -11.33
C LYS B 68 -6.29 26.07 -10.24
N LEU B 69 -7.43 25.45 -10.43
CA LEU B 69 -8.39 25.36 -9.35
C LEU B 69 -7.81 24.74 -8.10
N MET B 70 -6.72 23.97 -8.27
CA MET B 70 -6.00 23.42 -7.13
C MET B 70 -5.59 24.47 -6.11
N ASP B 71 -5.25 25.65 -6.57
CA ASP B 71 -4.89 26.77 -5.66
C ASP B 71 -6.03 27.17 -4.77
N GLN B 72 -7.28 26.85 -5.12
CA GLN B 72 -8.46 27.11 -4.29
C GLN B 72 -8.98 25.88 -3.52
N TRP B 73 -8.34 24.73 -3.68
CA TRP B 73 -8.74 23.55 -2.97
C TRP B 73 -8.36 23.59 -1.51
N ASN B 74 -9.31 23.93 -0.67
CA ASN B 74 -9.06 24.06 0.74
C ASN B 74 -10.33 23.80 1.48
N PRO B 75 -10.78 22.53 1.47
CA PRO B 75 -12.06 22.20 2.08
C PRO B 75 -12.03 22.20 3.58
N THR B 76 -12.19 23.38 4.15
CA THR B 76 -11.95 23.53 5.59
C THR B 76 -12.98 22.86 6.47
N LYS B 77 -14.16 22.61 5.95
CA LYS B 77 -15.16 21.85 6.71
C LYS B 77 -15.05 20.32 6.56
N PHE B 78 -14.11 19.84 5.76
CA PHE B 78 -14.01 18.39 5.57
C PHE B 78 -13.73 17.68 6.87
N ASP B 79 -14.47 16.63 7.16
CA ASP B 79 -14.25 15.83 8.36
C ASP B 79 -14.60 14.39 8.06
N ALA B 80 -13.58 13.56 7.86
CA ALA B 80 -13.79 12.22 7.32
C ALA B 80 -14.64 11.41 8.27
N LYS B 81 -14.49 11.63 9.57
CA LYS B 81 -15.37 10.97 10.54
C LYS B 81 -16.83 11.31 10.41
N LYS B 82 -17.14 12.59 10.12
CA LYS B 82 -18.50 13.02 9.85
C LYS B 82 -19.05 12.39 8.57
N TRP B 83 -18.27 12.40 7.52
CA TRP B 83 -18.67 11.71 6.27
C TRP B 83 -19.07 10.25 6.55
N ALA B 84 -18.19 9.54 7.23
CA ALA B 84 -18.45 8.12 7.50
C ALA B 84 -19.67 7.94 8.39
N LYS B 85 -19.87 8.87 9.31
CA LYS B 85 -21.04 8.80 10.14
C LYS B 85 -22.35 9.04 9.36
N MET B 86 -22.33 10.00 8.46
CA MET B 86 -23.44 10.23 7.59
C MET B 86 -23.77 8.93 6.77
N ALA B 87 -22.74 8.30 6.23
CA ALA B 87 -22.94 7.05 5.48
C ALA B 87 -23.50 5.93 6.34
N LYS B 88 -22.97 5.83 7.56
CA LYS B 88 -23.45 4.81 8.49
C LYS B 88 -24.93 5.04 8.85
N GLU B 89 -25.32 6.28 9.12
CA GLU B 89 -26.71 6.58 9.45
C GLU B 89 -27.64 6.41 8.28
N MET B 90 -27.16 6.68 7.06
CA MET B 90 -27.95 6.38 5.88
C MET B 90 -28.19 4.87 5.67
N GLY B 91 -27.38 4.01 6.30
CA GLY B 91 -27.48 2.57 6.13
C GLY B 91 -26.69 2.05 4.93
N THR B 92 -25.80 2.85 4.39
CA THR B 92 -24.90 2.32 3.34
C THR B 92 -23.86 1.36 3.93
N LYS B 93 -23.53 0.30 3.19
CA LYS B 93 -22.56 -0.68 3.60
C LYS B 93 -21.23 -0.51 2.88
N TYR B 94 -21.23 0.36 1.88
CA TYR B 94 -20.03 0.70 1.18
C TYR B 94 -20.15 2.03 0.47
N VAL B 95 -18.99 2.61 0.17
CA VAL B 95 -18.89 3.88 -0.49
C VAL B 95 -17.87 3.76 -1.60
N LYS B 96 -18.27 4.21 -2.77
CA LYS B 96 -17.43 4.27 -3.94
C LYS B 96 -16.96 5.74 -4.08
N ILE B 97 -15.63 5.95 -4.14
CA ILE B 97 -15.05 7.27 -4.09
C ILE B 97 -14.31 7.55 -5.38
N THR B 98 -14.51 8.72 -5.96
CA THR B 98 -13.76 9.13 -7.14
C THR B 98 -12.32 9.41 -6.71
N THR B 99 -11.43 8.46 -6.99
CA THR B 99 -10.02 8.71 -6.68
C THR B 99 -9.42 9.75 -7.61
N LYS B 100 -9.88 9.73 -8.85
CA LYS B 100 -9.45 10.66 -9.87
C LYS B 100 -10.56 10.64 -10.94
N HIS B 101 -11.11 11.81 -11.30
CA HIS B 101 -12.13 11.89 -12.35
C HIS B 101 -11.44 12.27 -13.67
N HIS B 102 -12.21 12.53 -14.72
CA HIS B 102 -11.66 12.87 -16.05
C HIS B 102 -10.69 14.03 -15.98
N GLU B 103 -10.96 15.01 -15.12
CA GLU B 103 -10.07 16.16 -14.98
C GLU B 103 -8.65 15.80 -14.60
N GLY B 104 -8.44 14.64 -13.93
CA GLY B 104 -7.10 14.14 -13.58
C GLY B 104 -6.53 14.48 -12.21
N PHE B 105 -7.24 15.32 -11.45
CA PHE B 105 -6.87 15.70 -10.09
C PHE B 105 -7.07 14.47 -9.15
N CYS B 106 -6.00 14.06 -8.47
CA CYS B 106 -5.97 12.90 -7.60
C CYS B 106 -6.28 13.25 -6.16
N LEU B 107 -7.18 12.50 -5.57
CA LEU B 107 -7.54 12.71 -4.16
C LEU B 107 -6.57 12.06 -3.18
N TRP B 108 -5.52 11.44 -3.74
CA TRP B 108 -4.40 10.89 -2.96
C TRP B 108 -3.11 11.48 -3.51
N PRO B 109 -2.04 11.49 -2.71
CA PRO B 109 -0.82 12.16 -3.13
C PRO B 109 -0.02 11.33 -4.12
N SER B 110 -0.49 11.22 -5.35
CA SER B 110 0.22 10.43 -6.36
C SER B 110 1.60 10.94 -6.63
N LYS B 111 2.54 10.03 -6.87
CA LYS B 111 3.88 10.46 -7.24
C LYS B 111 4.04 10.50 -8.76
N TYR B 112 2.98 10.22 -9.50
CA TYR B 112 3.09 10.17 -10.96
C TYR B 112 2.49 11.34 -11.69
N THR B 113 2.04 12.37 -10.97
CA THR B 113 1.59 13.59 -11.56
C THR B 113 1.66 14.61 -10.46
N LYS B 114 1.72 15.88 -10.85
CA LYS B 114 1.66 16.93 -9.82
C LYS B 114 0.26 17.40 -9.56
N TYR B 115 -0.72 16.90 -10.32
CA TYR B 115 -2.08 17.30 -10.07
C TYR B 115 -2.70 16.44 -8.95
N THR B 116 -2.40 16.79 -7.70
CA THR B 116 -2.93 16.03 -6.57
C THR B 116 -3.20 16.90 -5.38
N VAL B 117 -3.89 16.29 -4.41
CA VAL B 117 -4.19 16.93 -3.13
C VAL B 117 -2.95 17.45 -2.41
N ALA B 118 -1.79 16.87 -2.70
CA ALA B 118 -0.59 17.27 -1.97
C ALA B 118 -0.24 18.69 -2.36
N ASN B 119 -0.52 19.08 -3.60
CA ASN B 119 -0.12 20.39 -4.11
C ASN B 119 -1.25 21.37 -4.07
N THR B 120 -2.02 21.36 -2.98
CA THR B 120 -3.10 22.29 -2.76
C THR B 120 -2.87 22.85 -1.42
N PRO B 121 -3.53 23.94 -1.09
CA PRO B 121 -3.40 24.41 0.27
C PRO B 121 -3.80 23.40 1.32
N TYR B 122 -4.72 22.50 1.02
CA TYR B 122 -5.16 21.58 2.05
C TYR B 122 -4.11 20.53 2.39
N LYS B 123 -3.37 20.11 1.38
CA LYS B 123 -2.21 19.19 1.48
C LYS B 123 -2.55 17.76 1.80
N ARG B 124 -3.57 17.54 2.62
CA ARG B 124 -3.81 16.21 3.22
C ARG B 124 -4.28 15.16 2.24
N ASP B 125 -3.98 13.91 2.56
CA ASP B 125 -4.40 12.76 1.77
C ASP B 125 -5.90 12.44 2.09
N ILE B 126 -6.75 13.15 1.37
CA ILE B 126 -8.24 12.95 1.50
C ILE B 126 -8.61 11.50 1.37
N LEU B 127 -8.14 10.84 0.33
CA LEU B 127 -8.54 9.48 0.07
C LEU B 127 -8.20 8.58 1.27
N GLY B 128 -6.98 8.72 1.78
CA GLY B 128 -6.52 7.94 2.92
C GLY B 128 -7.35 8.25 4.15
N GLU B 129 -7.68 9.51 4.37
CA GLU B 129 -8.52 9.82 5.53
C GLU B 129 -9.89 9.22 5.41
N LEU B 130 -10.44 9.24 4.20
CA LEU B 130 -11.74 8.62 3.98
C LEU B 130 -11.69 7.07 4.13
N VAL B 131 -10.65 6.45 3.63
CA VAL B 131 -10.58 4.97 3.72
C VAL B 131 -10.63 4.55 5.20
N LYS B 132 -9.85 5.22 6.00
CA LYS B 132 -9.76 4.93 7.43
CA LYS B 132 -9.78 4.90 7.42
C LYS B 132 -11.11 5.21 8.09
N ALA B 133 -11.70 6.37 7.82
CA ALA B 133 -12.94 6.76 8.49
C ALA B 133 -14.08 5.81 8.17
N TYR B 134 -14.22 5.47 6.90
CA TYR B 134 -15.28 4.54 6.51
C TYR B 134 -15.02 3.17 7.10
N ASN B 135 -13.80 2.66 6.96
CA ASN B 135 -13.43 1.34 7.49
C ASN B 135 -13.69 1.30 9.01
N ASP B 136 -13.40 2.36 9.71
CA ASP B 136 -13.67 2.39 11.15
C ASP B 136 -15.15 2.25 11.48
N GLU B 137 -16.04 2.64 10.59
CA GLU B 137 -17.48 2.45 10.77
C GLU B 137 -17.95 1.10 10.21
N GLY B 138 -17.08 0.22 9.78
CA GLY B 138 -17.53 -1.01 9.18
C GLY B 138 -18.03 -0.87 7.76
N ILE B 139 -17.64 0.18 7.09
CA ILE B 139 -18.05 0.43 5.71
C ILE B 139 -16.94 0.10 4.73
N ASP B 140 -17.20 -0.74 3.75
CA ASP B 140 -16.23 -1.03 2.70
C ASP B 140 -16.08 0.16 1.77
N VAL B 141 -14.89 0.28 1.18
CA VAL B 141 -14.55 1.35 0.29
C VAL B 141 -14.17 0.75 -1.06
N HIS B 142 -14.70 1.38 -2.12
CA HIS B 142 -14.44 1.01 -3.50
C HIS B 142 -13.89 2.21 -4.14
N PHE B 143 -13.07 2.01 -5.16
CA PHE B 143 -12.44 3.14 -5.78
C PHE B 143 -12.86 3.30 -7.21
N TYR B 144 -13.44 4.46 -7.49
CA TYR B 144 -13.74 4.89 -8.84
C TYR B 144 -12.46 5.41 -9.41
N PHE B 145 -12.21 5.16 -10.70
CA PHE B 145 -10.98 5.59 -11.33
C PHE B 145 -11.27 5.84 -12.82
N SER B 146 -11.03 7.05 -13.27
CA SER B 146 -11.16 7.40 -14.67
C SER B 146 -9.88 7.11 -15.43
N VAL B 147 -9.94 6.22 -16.38
CA VAL B 147 -8.78 5.99 -17.26
C VAL B 147 -8.56 7.23 -18.13
N MET B 148 -9.56 7.65 -18.85
CA MET B 148 -9.49 8.93 -19.53
C MET B 148 -9.07 10.01 -18.55
N ASP B 149 -8.10 10.78 -18.98
CA ASP B 149 -7.43 11.76 -18.13
C ASP B 149 -7.10 13.00 -18.97
N TRP B 150 -7.87 14.06 -18.72
CA TRP B 150 -7.73 15.34 -19.43
C TRP B 150 -6.47 16.13 -19.08
N SER B 151 -5.80 15.75 -17.99
CA SER B 151 -4.60 16.46 -17.53
C SER B 151 -3.32 15.94 -18.14
N ASN B 152 -3.38 14.78 -18.77
CA ASN B 152 -2.19 14.12 -19.31
C ASN B 152 -2.21 14.17 -20.83
N PRO B 153 -1.26 14.89 -21.40
CA PRO B 153 -1.36 15.01 -22.85
C PRO B 153 -1.00 13.74 -23.62
N ASP B 154 -0.60 12.67 -22.94
CA ASP B 154 -0.41 11.39 -23.65
C ASP B 154 -1.68 10.62 -23.83
N TYR B 155 -2.76 11.09 -23.23
CA TYR B 155 -4.02 10.43 -23.48
C TYR B 155 -4.37 10.53 -24.97
N ARG B 156 -5.00 9.50 -25.52
CA ARG B 156 -5.53 9.56 -26.86
C ARG B 156 -6.95 8.99 -26.87
N TYR B 157 -7.79 9.60 -27.69
CA TYR B 157 -9.15 9.15 -27.91
C TYR B 157 -9.19 8.00 -28.90
N ASP B 158 -8.26 8.05 -29.85
CA ASP B 158 -8.11 7.01 -30.86
C ASP B 158 -6.64 7.00 -31.27
N ILE B 159 -6.23 5.89 -31.89
CA ILE B 159 -4.85 5.72 -32.31
C ILE B 159 -4.84 5.88 -33.81
N LYS B 160 -4.31 6.99 -34.32
CA LYS B 160 -4.30 7.23 -35.77
C LYS B 160 -2.87 7.27 -36.36
N SER B 161 -1.85 7.00 -35.56
CA SER B 161 -0.46 7.19 -35.97
C SER B 161 0.48 6.40 -35.06
N LYS B 162 1.71 6.21 -35.54
CA LYS B 162 2.80 5.67 -34.73
C LYS B 162 2.93 6.49 -33.45
N GLU B 163 2.88 7.81 -33.60
CA GLU B 163 3.11 8.73 -32.50
C GLU B 163 2.02 8.54 -31.43
N ASP B 164 0.79 8.35 -31.87
CA ASP B 164 -0.33 8.12 -31.01
C ASP B 164 -0.09 6.83 -30.23
N SER B 165 0.37 5.80 -30.92
CA SER B 165 0.55 4.51 -30.28
C SER B 165 1.63 4.61 -29.19
N ILE B 166 2.68 5.35 -29.46
CA ILE B 166 3.76 5.51 -28.50
C ILE B 166 3.30 6.35 -27.29
N ALA B 167 2.61 7.46 -27.53
CA ALA B 167 2.11 8.28 -26.44
C ALA B 167 1.14 7.49 -25.56
N PHE B 168 0.28 6.75 -26.22
CA PHE B 168 -0.73 6.02 -25.50
C PHE B 168 -0.10 4.92 -24.65
N SER B 169 0.97 4.28 -25.13
CA SER B 169 1.64 3.30 -24.33
C SER B 169 2.20 3.90 -23.08
N ARG B 170 2.73 5.10 -23.17
CA ARG B 170 3.23 5.78 -21.96
C ARG B 170 2.06 6.03 -21.03
N PHE B 171 0.97 6.46 -21.62
CA PHE B 171 -0.23 6.75 -20.89
C PHE B 171 -0.74 5.57 -20.06
N LEU B 172 -0.74 4.41 -20.71
CA LEU B 172 -1.15 3.18 -20.05
C LEU B 172 -0.22 2.76 -18.95
N GLU B 173 1.07 3.01 -19.12
CA GLU B 173 1.98 2.70 -18.07
C GLU B 173 1.77 3.67 -16.86
N PHE B 174 1.61 4.95 -17.18
CA PHE B 174 1.26 5.98 -16.17
C PHE B 174 0.03 5.54 -15.36
N THR B 175 -0.95 5.04 -16.11
CA THR B 175 -2.18 4.57 -15.51
C THR B 175 -1.91 3.38 -14.57
N ASP B 176 -1.14 2.40 -15.04
CA ASP B 176 -0.76 1.29 -14.19
C ASP B 176 -0.10 1.79 -12.91
N ASN B 177 0.77 2.76 -13.04
CA ASN B 177 1.49 3.23 -11.86
C ASN B 177 0.60 3.84 -10.81
N GLN B 178 -0.34 4.64 -11.26
CA GLN B 178 -1.32 5.19 -10.32
C GLN B 178 -2.19 4.07 -9.66
N LEU B 179 -2.62 3.09 -10.46
CA LEU B 179 -3.43 1.97 -9.94
C LEU B 179 -2.69 1.17 -8.88
N LYS B 180 -1.43 0.89 -9.18
CA LYS B 180 -0.54 0.20 -8.19
C LYS B 180 -0.38 1.03 -6.88
N GLU B 181 -0.31 2.35 -6.99
CA GLU B 181 -0.28 3.18 -5.79
C GLU B 181 -1.53 2.94 -5.01
N LEU B 182 -2.67 2.99 -5.69
CA LEU B 182 -3.94 2.87 -4.97
C LEU B 182 -4.07 1.56 -4.28
N ALA B 183 -3.72 0.50 -5.00
CA ALA B 183 -3.90 -0.87 -4.52
C ALA B 183 -2.98 -1.21 -3.34
N THR B 184 -1.81 -0.56 -3.28
CA THR B 184 -0.80 -0.83 -2.23
C THR B 184 -0.82 0.15 -1.08
N ARG B 185 -1.12 1.40 -1.35
CA ARG B 185 -1.29 2.35 -0.30
C ARG B 185 -2.51 2.07 0.51
N TYR B 186 -3.59 1.59 -0.14
CA TYR B 186 -4.91 1.46 0.53
C TYR B 186 -5.40 0.04 0.35
N PRO B 187 -4.76 -0.91 1.03
CA PRO B 187 -4.98 -2.33 0.68
C PRO B 187 -6.35 -2.86 1.13
N THR B 188 -7.11 -2.11 1.91
CA THR B 188 -8.47 -2.52 2.26
C THR B 188 -9.49 -2.26 1.15
N VAL B 189 -9.06 -1.67 0.04
CA VAL B 189 -9.98 -1.42 -1.06
C VAL B 189 -10.63 -2.73 -1.52
N LYS B 190 -11.95 -2.71 -1.77
CA LYS B 190 -12.70 -3.91 -2.10
C LYS B 190 -13.08 -4.01 -3.55
N ASP B 191 -12.91 -2.92 -4.29
CA ASP B 191 -13.40 -2.84 -5.64
C ASP B 191 -12.71 -1.71 -6.42
N PHE B 192 -12.53 -1.92 -7.71
CA PHE B 192 -12.18 -0.81 -8.60
C PHE B 192 -13.24 -0.66 -9.69
N TRP B 193 -13.78 0.55 -9.78
CA TRP B 193 -14.89 0.84 -10.67
C TRP B 193 -14.32 1.82 -11.69
N PHE B 194 -14.10 1.32 -12.88
CA PHE B 194 -13.51 2.14 -13.94
C PHE B 194 -14.53 2.88 -14.75
N ASP B 195 -14.12 4.07 -15.16
CA ASP B 195 -14.89 4.92 -16.01
C ASP B 195 -13.91 5.44 -17.09
N GLY B 196 -14.43 6.09 -18.10
CA GLY B 196 -13.54 6.71 -19.11
C GLY B 196 -12.78 5.68 -19.93
N THR B 197 -13.44 4.57 -20.23
CA THR B 197 -12.83 3.48 -20.95
C THR B 197 -13.61 3.16 -22.24
N TRP B 198 -14.48 4.08 -22.64
CA TRP B 198 -15.32 3.89 -23.82
C TRP B 198 -14.60 4.29 -25.11
N ASP B 199 -13.48 5.01 -25.05
CA ASP B 199 -12.90 5.54 -26.28
C ASP B 199 -12.27 4.45 -27.15
N ALA B 200 -12.12 4.76 -28.45
CA ALA B 200 -11.57 3.78 -29.43
C ALA B 200 -10.18 3.31 -29.06
N SER B 201 -9.40 4.23 -28.52
CA SER B 201 -8.07 3.92 -28.04
C SER B 201 -8.02 2.74 -27.05
N VAL B 202 -8.94 2.77 -26.10
CA VAL B 202 -9.03 1.74 -25.08
C VAL B 202 -9.62 0.46 -25.68
N LYS B 203 -10.62 0.62 -26.54
CA LYS B 203 -11.22 -0.51 -27.25
C LYS B 203 -10.20 -1.29 -28.10
N LYS B 204 -9.27 -0.55 -28.70
CA LYS B 204 -8.19 -1.15 -29.45
C LYS B 204 -7.15 -1.76 -28.55
N ASN B 205 -7.21 -1.48 -27.24
CA ASN B 205 -6.25 -2.06 -26.31
C ASN B 205 -6.93 -2.89 -25.22
N GLY B 206 -7.80 -3.77 -25.66
CA GLY B 206 -8.47 -4.74 -24.82
C GLY B 206 -7.52 -5.46 -23.87
N TRP B 207 -6.37 -5.86 -24.40
CA TRP B 207 -5.37 -6.57 -23.66
C TRP B 207 -5.04 -5.81 -22.34
N TRP B 208 -4.98 -4.48 -22.43
CA TRP B 208 -4.58 -3.66 -21.30
C TRP B 208 -5.67 -3.77 -20.22
N THR B 209 -6.92 -3.80 -20.66
CA THR B 209 -8.04 -3.93 -19.77
C THR B 209 -7.98 -5.27 -19.01
N ALA B 210 -7.64 -6.36 -19.71
CA ALA B 210 -7.53 -7.67 -19.06
C ALA B 210 -6.40 -7.66 -18.06
N HIS B 211 -5.32 -7.04 -18.48
CA HIS B 211 -4.13 -6.95 -17.67
C HIS B 211 -4.42 -6.12 -16.37
N ALA B 212 -5.13 -5.00 -16.51
CA ALA B 212 -5.40 -4.16 -15.34
C ALA B 212 -6.16 -4.99 -14.33
N GLU B 213 -7.12 -5.77 -14.85
CA GLU B 213 -7.96 -6.63 -14.03
C GLU B 213 -7.12 -7.64 -13.28
N GLN B 214 -6.21 -8.30 -14.01
CA GLN B 214 -5.36 -9.36 -13.39
C GLN B 214 -4.43 -8.75 -12.39
N MET B 215 -3.84 -7.62 -12.77
CA MET B 215 -2.82 -6.98 -11.97
C MET B 215 -3.40 -6.61 -10.61
N LEU B 216 -4.62 -6.07 -10.60
CA LEU B 216 -5.22 -5.59 -9.35
C LEU B 216 -5.67 -6.76 -8.51
N LYS B 217 -6.19 -7.80 -9.16
CA LYS B 217 -6.55 -9.02 -8.46
C LYS B 217 -5.33 -9.73 -7.80
N GLU B 218 -4.19 -9.64 -8.43
CA GLU B 218 -2.98 -10.14 -7.79
CA GLU B 218 -2.92 -10.11 -7.81
C GLU B 218 -2.62 -9.30 -6.57
N LEU B 219 -2.75 -7.99 -6.67
CA LEU B 219 -2.35 -7.11 -5.56
C LEU B 219 -3.29 -7.08 -4.41
N VAL B 220 -4.58 -7.28 -4.69
CA VAL B 220 -5.63 -7.14 -3.72
C VAL B 220 -6.50 -8.41 -3.76
N PRO B 221 -6.23 -9.35 -2.85
CA PRO B 221 -6.94 -10.60 -2.93
C PRO B 221 -8.45 -10.36 -2.79
N GLY B 222 -9.21 -10.95 -3.71
CA GLY B 222 -10.66 -10.85 -3.71
C GLY B 222 -11.28 -9.53 -4.20
N VAL B 223 -10.47 -8.61 -4.66
CA VAL B 223 -10.97 -7.34 -5.16
C VAL B 223 -11.98 -7.59 -6.28
N ALA B 224 -13.02 -6.76 -6.35
CA ALA B 224 -13.96 -6.81 -7.51
C ALA B 224 -13.55 -5.76 -8.53
N ILE B 225 -13.91 -6.04 -9.76
CA ILE B 225 -13.57 -5.15 -10.86
C ILE B 225 -14.84 -5.04 -11.74
N ASN B 226 -15.24 -3.82 -12.08
CA ASN B 226 -16.46 -3.66 -12.84
C ASN B 226 -16.33 -4.01 -14.32
N SER B 227 -17.46 -4.39 -14.95
CA SER B 227 -17.49 -4.74 -16.38
C SER B 227 -17.06 -3.58 -17.27
N ARG B 228 -17.31 -2.36 -16.82
CA ARG B 228 -17.10 -1.19 -17.65
C ARG B 228 -15.64 -1.04 -18.06
N LEU B 229 -14.75 -1.53 -17.21
CA LEU B 229 -13.36 -1.50 -17.56
C LEU B 229 -13.12 -2.21 -18.92
N ARG B 230 -13.85 -3.33 -19.13
CA ARG B 230 -13.29 -4.41 -19.97
C ARG B 230 -13.71 -4.34 -21.41
N ALA B 231 -12.71 -4.45 -22.27
CA ALA B 231 -12.90 -4.65 -23.72
C ALA B 231 -12.15 -5.93 -24.10
N ASP B 232 -12.73 -6.72 -25.00
CA ASP B 232 -12.08 -7.95 -25.46
C ASP B 232 -11.19 -7.66 -26.69
N ASP B 233 -10.67 -8.75 -27.27
CA ASP B 233 -9.73 -8.67 -28.41
C ASP B 233 -10.33 -7.90 -29.59
N LYS B 234 -11.65 -7.92 -29.72
CA LYS B 234 -12.35 -7.25 -30.82
C LYS B 234 -12.82 -5.86 -30.46
N GLY B 235 -12.59 -5.41 -29.24
CA GLY B 235 -13.10 -4.11 -28.85
C GLY B 235 -14.51 -4.17 -28.30
N LYS B 236 -15.08 -5.37 -28.14
CA LYS B 236 -16.42 -5.52 -27.54
C LYS B 236 -16.28 -5.26 -26.01
N ARG B 237 -17.14 -4.38 -25.48
CA ARG B 237 -17.11 -3.96 -24.09
C ARG B 237 -18.16 -4.60 -23.19
N HIS B 238 -17.87 -4.66 -21.91
CA HIS B 238 -18.74 -5.26 -20.87
C HIS B 238 -18.95 -6.76 -21.03
N PHE B 239 -19.54 -7.17 -22.15
CA PHE B 239 -19.73 -8.60 -22.46
C PHE B 239 -18.85 -8.87 -23.66
N ASP B 240 -18.14 -10.00 -23.65
CA ASP B 240 -17.19 -10.22 -24.75
C ASP B 240 -17.91 -10.70 -26.04
N SER B 241 -17.14 -10.99 -27.07
CA SER B 241 -17.66 -11.41 -28.37
C SER B 241 -18.46 -12.74 -28.32
N ASN B 242 -18.25 -13.56 -27.29
CA ASN B 242 -19.09 -14.71 -27.06
C ASN B 242 -20.23 -14.45 -26.08
N GLY B 243 -20.57 -13.18 -25.89
CA GLY B 243 -21.65 -12.80 -24.99
C GLY B 243 -21.39 -13.08 -23.51
N ARG B 244 -20.15 -13.29 -23.09
CA ARG B 244 -19.89 -13.53 -21.67
C ARG B 244 -19.42 -12.26 -20.97
N LEU B 245 -19.95 -12.10 -19.75
CA LEU B 245 -19.63 -10.94 -18.91
C LEU B 245 -18.12 -10.91 -18.55
N MET B 246 -17.48 -9.78 -18.80
CA MET B 246 -16.08 -9.53 -18.34
C MET B 246 -16.12 -8.72 -17.02
N GLY B 247 -15.09 -8.83 -16.20
CA GLY B 247 -15.15 -8.25 -14.84
C GLY B 247 -16.04 -9.12 -13.97
N ASP B 248 -16.30 -8.67 -12.76
CA ASP B 248 -16.94 -9.49 -11.75
C ASP B 248 -18.47 -9.22 -11.63
N TYR B 249 -18.91 -8.11 -12.19
CA TYR B 249 -20.30 -7.69 -12.13
C TYR B 249 -20.58 -6.72 -13.26
N GLU B 250 -21.84 -6.70 -13.68
CA GLU B 250 -22.27 -5.84 -14.75
C GLU B 250 -22.52 -4.46 -14.13
N SER B 251 -22.08 -3.42 -14.79
CA SER B 251 -22.10 -2.07 -14.26
C SER B 251 -22.52 -0.99 -15.27
N GLY B 252 -23.47 -1.26 -16.14
CA GLY B 252 -23.96 -0.23 -17.08
C GLY B 252 -25.17 0.60 -16.62
N TYR B 253 -25.89 0.14 -15.61
CA TYR B 253 -27.16 0.75 -15.35
C TYR B 253 -26.85 2.02 -14.56
N GLU B 254 -27.26 3.15 -15.11
CA GLU B 254 -27.24 4.45 -14.40
C GLU B 254 -28.38 5.22 -14.99
N ARG B 255 -29.25 5.80 -14.21
CA ARG B 255 -30.44 6.43 -14.87
C ARG B 255 -31.56 5.46 -15.12
N ARG B 256 -31.30 4.30 -15.70
CA ARG B 256 -32.31 3.25 -15.86
C ARG B 256 -32.04 1.98 -14.97
N LEU B 257 -33.05 1.14 -14.83
CA LEU B 257 -32.94 -0.16 -14.14
C LEU B 257 -33.55 -1.23 -15.03
N PRO B 258 -33.12 -2.46 -14.88
CA PRO B 258 -33.76 -3.47 -15.72
C PRO B 258 -35.26 -3.61 -15.41
N ASP B 259 -36.00 -3.98 -16.46
CA ASP B 259 -37.44 -4.16 -16.34
C ASP B 259 -37.78 -5.42 -15.53
N PRO B 260 -38.56 -5.26 -14.47
CA PRO B 260 -38.81 -6.38 -13.58
C PRO B 260 -39.53 -7.57 -14.22
N VAL B 261 -40.15 -7.36 -15.37
CA VAL B 261 -40.80 -8.44 -16.10
C VAL B 261 -39.94 -8.93 -17.25
N LYS B 262 -39.39 -8.02 -18.04
CA LYS B 262 -38.72 -8.37 -19.30
C LYS B 262 -37.24 -8.60 -19.19
N ASP B 263 -36.61 -8.13 -18.11
CA ASP B 263 -35.13 -8.22 -18.02
C ASP B 263 -34.66 -9.18 -16.91
N LEU B 264 -35.36 -10.31 -16.70
CA LEU B 264 -34.94 -11.27 -15.71
C LEU B 264 -33.57 -11.90 -16.00
N LYS B 265 -33.05 -11.72 -17.18
CA LYS B 265 -31.70 -12.25 -17.45
C LYS B 265 -30.64 -11.69 -16.48
N VAL B 266 -30.85 -10.48 -15.96
CA VAL B 266 -29.84 -9.91 -15.07
C VAL B 266 -29.66 -10.70 -13.77
N THR B 267 -30.59 -11.57 -13.44
CA THR B 267 -30.47 -12.32 -12.21
C THR B 267 -29.37 -13.40 -12.33
N GLN B 268 -28.84 -13.60 -13.54
CA GLN B 268 -27.81 -14.58 -13.84
CA GLN B 268 -27.82 -14.62 -13.78
C GLN B 268 -26.39 -14.11 -13.50
N TRP B 269 -26.22 -12.81 -13.22
CA TRP B 269 -24.88 -12.30 -12.90
C TRP B 269 -25.01 -11.24 -11.82
N ASP B 270 -23.95 -11.01 -11.08
CA ASP B 270 -23.90 -9.87 -10.16
C ASP B 270 -23.92 -8.60 -11.00
N TRP B 271 -24.56 -7.59 -10.45
CA TRP B 271 -24.60 -6.31 -11.13
C TRP B 271 -24.82 -5.22 -10.11
N GLU B 272 -24.47 -4.00 -10.51
CA GLU B 272 -24.56 -2.85 -9.65
C GLU B 272 -25.01 -1.64 -10.46
N ALA B 273 -26.08 -1.00 -9.98
CA ALA B 273 -26.52 0.23 -10.61
C ALA B 273 -26.04 1.40 -9.79
N CYS B 274 -25.81 2.53 -10.45
CA CYS B 274 -25.44 3.73 -9.77
CA CYS B 274 -25.40 3.75 -9.80
C CYS B 274 -26.33 4.87 -10.26
N MET B 275 -26.74 5.74 -9.34
CA MET B 275 -27.73 6.73 -9.70
C MET B 275 -27.42 8.07 -9.12
N THR B 276 -27.90 9.10 -9.81
CA THR B 276 -27.83 10.47 -9.35
C THR B 276 -29.14 10.91 -8.75
N ILE B 277 -29.09 11.96 -7.95
CA ILE B 277 -30.29 12.49 -7.34
C ILE B 277 -31.05 13.38 -8.34
N PRO B 278 -30.40 14.40 -8.87
CA PRO B 278 -30.94 15.00 -10.06
C PRO B 278 -30.78 14.09 -11.28
N GLU B 279 -31.18 14.59 -12.43
CA GLU B 279 -31.18 13.72 -13.62
C GLU B 279 -29.80 13.36 -14.03
N ASN B 280 -28.91 14.34 -14.05
CA ASN B 280 -27.59 14.11 -14.53
C ASN B 280 -26.49 15.00 -13.92
N GLN B 281 -26.45 15.08 -12.60
CA GLN B 281 -25.40 15.74 -11.86
C GLN B 281 -24.73 14.75 -10.95
N TRP B 282 -23.45 14.52 -11.18
CA TRP B 282 -22.65 13.67 -10.26
C TRP B 282 -21.79 14.51 -9.32
N GLY B 283 -20.98 15.39 -9.88
CA GLY B 283 -20.28 16.38 -9.06
C GLY B 283 -21.24 17.45 -8.57
N TYR B 284 -20.80 18.24 -7.61
CA TYR B 284 -21.55 19.41 -7.10
C TYR B 284 -21.90 20.40 -8.17
N HIS B 285 -23.21 20.55 -8.40
CA HIS B 285 -23.75 21.65 -9.20
C HIS B 285 -24.53 22.58 -8.29
N LYS B 286 -24.28 23.88 -8.40
CA LYS B 286 -24.89 24.82 -7.45
C LYS B 286 -26.35 25.02 -7.73
N ASP B 287 -26.83 24.66 -8.90
CA ASP B 287 -28.27 24.86 -9.21
C ASP B 287 -29.03 23.58 -9.57
N TRP B 288 -29.67 22.97 -8.57
CA TRP B 288 -30.49 21.79 -8.77
C TRP B 288 -31.90 22.06 -9.35
N SER B 289 -32.28 23.33 -9.60
CA SER B 289 -33.59 23.64 -10.17
C SER B 289 -33.56 23.38 -11.66
N LEU B 290 -32.41 23.09 -12.21
CA LEU B 290 -32.36 22.89 -13.66
C LEU B 290 -32.90 21.58 -14.20
N SER B 291 -33.09 20.55 -13.37
CA SER B 291 -33.58 19.27 -13.84
C SER B 291 -34.40 18.64 -12.74
N TYR B 292 -35.04 17.53 -13.06
CA TYR B 292 -35.89 16.86 -12.08
C TYR B 292 -35.01 16.27 -11.00
N VAL B 293 -35.39 16.49 -9.75
CA VAL B 293 -34.71 15.97 -8.60
C VAL B 293 -35.59 14.89 -7.94
N LYS B 294 -35.05 13.69 -7.80
CA LYS B 294 -35.79 12.61 -7.20
C LYS B 294 -36.04 12.79 -5.71
N THR B 295 -37.22 12.38 -5.24
CA THR B 295 -37.54 12.34 -3.84
C THR B 295 -36.97 11.11 -3.16
N PRO B 296 -36.91 11.12 -1.82
CA PRO B 296 -36.44 9.95 -1.11
C PRO B 296 -37.19 8.69 -1.48
N ILE B 297 -38.53 8.74 -1.57
CA ILE B 297 -39.26 7.54 -1.93
C ILE B 297 -38.88 7.07 -3.31
N GLU B 298 -38.70 7.98 -4.25
CA GLU B 298 -38.28 7.56 -5.60
C GLU B 298 -36.95 6.87 -5.56
N VAL B 299 -36.05 7.31 -4.68
CA VAL B 299 -34.75 6.67 -4.58
C VAL B 299 -34.90 5.30 -3.89
N ILE B 300 -35.66 5.24 -2.81
CA ILE B 300 -35.86 4.00 -2.10
C ILE B 300 -36.47 2.95 -3.04
N ASP B 301 -37.40 3.39 -3.87
CA ASP B 301 -37.98 2.51 -4.87
C ASP B 301 -36.90 1.86 -5.76
N ARG B 302 -36.00 2.67 -6.25
CA ARG B 302 -34.91 2.18 -7.11
C ARG B 302 -33.95 1.26 -6.35
N ILE B 303 -33.66 1.57 -5.09
CA ILE B 303 -32.87 0.65 -4.28
C ILE B 303 -33.52 -0.75 -4.18
N VAL B 304 -34.77 -0.76 -3.78
CA VAL B 304 -35.45 -2.04 -3.62
C VAL B 304 -35.59 -2.78 -4.96
N HIS B 305 -35.91 -2.03 -6.00
CA HIS B 305 -36.00 -2.54 -7.35
C HIS B 305 -34.73 -3.30 -7.66
N ALA B 306 -33.60 -2.64 -7.50
CA ALA B 306 -32.33 -3.32 -7.78
C ALA B 306 -32.13 -4.64 -7.01
N VAL B 307 -32.33 -4.61 -5.69
CA VAL B 307 -32.15 -5.83 -4.90
C VAL B 307 -33.10 -6.94 -5.35
N SER B 308 -34.32 -6.54 -5.73
CA SER B 308 -35.38 -7.49 -6.11
C SER B 308 -34.99 -8.20 -7.39
N MET B 309 -34.04 -7.63 -8.13
CA MET B 309 -33.52 -8.27 -9.35
C MET B 309 -32.05 -8.68 -9.23
N GLY B 310 -31.62 -8.85 -8.00
CA GLY B 310 -30.29 -9.45 -7.73
C GLY B 310 -29.11 -8.54 -7.90
N GLY B 311 -29.37 -7.24 -7.81
CA GLY B 311 -28.38 -6.22 -8.04
C GLY B 311 -28.20 -5.27 -6.87
N ASN B 312 -27.06 -4.57 -6.87
CA ASN B 312 -26.76 -3.53 -5.88
C ASN B 312 -27.23 -2.18 -6.41
N MET B 313 -27.46 -1.23 -5.51
CA MET B 313 -27.71 0.13 -5.91
C MET B 313 -26.85 1.09 -5.11
N VAL B 314 -26.33 2.08 -5.83
CA VAL B 314 -25.39 3.07 -5.29
C VAL B 314 -25.94 4.48 -5.55
N VAL B 315 -26.21 5.23 -4.48
CA VAL B 315 -26.73 6.58 -4.54
C VAL B 315 -25.63 7.61 -4.47
N ASN B 316 -25.54 8.43 -5.49
CA ASN B 316 -24.51 9.47 -5.59
C ASN B 316 -24.71 10.75 -4.76
N PHE B 317 -23.59 11.26 -4.28
CA PHE B 317 -23.42 12.46 -3.54
C PHE B 317 -22.28 13.25 -4.15
N GLY B 318 -22.49 14.55 -4.29
CA GLY B 318 -21.49 15.48 -4.84
C GLY B 318 -21.19 16.55 -3.79
N PRO B 319 -20.22 16.27 -2.94
CA PRO B 319 -19.92 17.21 -1.83
C PRO B 319 -19.49 18.59 -2.32
N GLN B 320 -19.82 19.57 -1.48
CA GLN B 320 -19.49 20.94 -1.72
C GLN B 320 -17.98 21.13 -1.66
N ALA B 321 -17.52 22.22 -2.27
CA ALA B 321 -16.12 22.57 -2.24
C ALA B 321 -15.59 22.72 -0.84
N ASP B 322 -16.40 23.22 0.11
CA ASP B 322 -15.94 23.37 1.47
C ASP B 322 -15.80 22.07 2.28
N GLY B 323 -16.19 20.95 1.68
CA GLY B 323 -16.07 19.65 2.34
C GLY B 323 -17.30 19.23 3.15
N ASP B 324 -18.38 20.03 3.11
CA ASP B 324 -19.67 19.65 3.67
C ASP B 324 -20.62 19.18 2.55
N PHE B 325 -21.74 18.63 2.96
CA PHE B 325 -22.80 18.20 2.01
C PHE B 325 -23.92 19.22 1.99
N ARG B 326 -24.46 19.45 0.82
CA ARG B 326 -25.65 20.28 0.66
C ARG B 326 -26.87 19.74 1.38
N PRO B 327 -27.77 20.66 1.76
CA PRO B 327 -28.96 20.29 2.51
C PRO B 327 -29.80 19.19 1.87
N GLU B 328 -29.92 19.21 0.53
CA GLU B 328 -30.76 18.19 -0.16
C GLU B 328 -30.17 16.81 0.05
N GLU B 329 -28.86 16.71 0.09
CA GLU B 329 -28.19 15.42 0.26
C GLU B 329 -28.20 14.96 1.71
N LYS B 330 -28.09 15.88 2.65
CA LYS B 330 -28.34 15.50 4.03
C LYS B 330 -29.75 15.01 4.29
N ALA B 331 -30.76 15.71 3.75
CA ALA B 331 -32.16 15.26 3.82
C ALA B 331 -32.33 13.86 3.20
N MET B 332 -31.78 13.66 2.01
CA MET B 332 -31.89 12.35 1.38
C MET B 332 -31.31 11.22 2.21
N ALA B 333 -30.08 11.41 2.70
CA ALA B 333 -29.45 10.40 3.48
C ALA B 333 -30.22 10.12 4.77
N THR B 334 -30.72 11.17 5.40
CA THR B 334 -31.47 10.97 6.62
C THR B 334 -32.74 10.19 6.37
N ALA B 335 -33.42 10.53 5.26
CA ALA B 335 -34.67 9.82 4.90
C ALA B 335 -34.43 8.35 4.53
N ILE B 336 -33.39 8.09 3.74
CA ILE B 336 -33.06 6.73 3.40
C ILE B 336 -32.68 5.97 4.69
N GLY B 337 -31.92 6.60 5.57
CA GLY B 337 -31.50 5.94 6.78
C GLY B 337 -32.63 5.52 7.68
N LYS B 338 -33.61 6.40 7.83
CA LYS B 338 -34.78 6.07 8.64
C LYS B 338 -35.48 4.88 8.06
N TRP B 339 -35.64 4.87 6.75
CA TRP B 339 -36.32 3.76 6.10
C TRP B 339 -35.53 2.44 6.24
N MET B 340 -34.22 2.51 6.00
CA MET B 340 -33.36 1.30 6.05
C MET B 340 -33.27 0.77 7.49
N ASN B 341 -33.34 1.66 8.47
CA ASN B 341 -33.36 1.23 9.87
CA ASN B 341 -33.39 1.30 9.89
C ASN B 341 -34.61 0.43 10.17
N ARG B 342 -35.72 0.80 9.55
CA ARG B 342 -36.99 0.09 9.74
C ARG B 342 -37.12 -1.17 8.89
N TYR B 343 -36.69 -1.07 7.61
CA TYR B 343 -37.02 -2.04 6.61
C TYR B 343 -35.84 -2.76 5.99
N GLY B 344 -34.63 -2.51 6.50
CA GLY B 344 -33.43 -3.01 5.84
C GLY B 344 -33.25 -4.51 5.83
N LYS B 345 -33.97 -5.21 6.68
CA LYS B 345 -33.90 -6.67 6.60
C LYS B 345 -34.32 -7.18 5.21
N ALA B 346 -35.12 -6.39 4.52
CA ALA B 346 -35.60 -6.78 3.18
C ALA B 346 -34.63 -6.34 2.10
N VAL B 347 -33.55 -5.70 2.49
CA VAL B 347 -32.58 -5.22 1.50
C VAL B 347 -31.22 -5.89 1.70
N TYR B 348 -30.64 -5.73 2.88
CA TYR B 348 -29.28 -6.26 3.12
C TYR B 348 -29.31 -7.79 2.96
N ALA B 349 -28.35 -8.28 2.23
CA ALA B 349 -28.18 -9.70 2.05
C ALA B 349 -29.41 -10.37 1.44
N CYS B 350 -30.17 -9.63 0.62
CA CYS B 350 -31.34 -10.16 -0.04
C CYS B 350 -31.08 -10.29 -1.53
N ASP B 351 -31.99 -10.97 -2.21
CA ASP B 351 -31.81 -11.32 -3.62
C ASP B 351 -33.22 -11.52 -4.32
N TYR B 352 -33.15 -11.84 -5.59
CA TYR B 352 -34.28 -12.17 -6.40
C TYR B 352 -35.07 -13.32 -5.80
N ALA B 353 -36.41 -13.16 -5.74
CA ALA B 353 -37.25 -14.14 -5.03
C ALA B 353 -37.83 -15.21 -5.94
N GLY B 354 -37.78 -15.00 -7.25
CA GLY B 354 -38.36 -15.94 -8.16
C GLY B 354 -39.88 -15.97 -8.20
N PHE B 355 -40.54 -14.89 -7.80
CA PHE B 355 -42.00 -14.81 -7.91
C PHE B 355 -42.38 -13.88 -9.08
N GLU B 356 -43.60 -14.07 -9.55
CA GLU B 356 -44.13 -13.24 -10.58
C GLU B 356 -44.36 -11.81 -10.00
N LYS B 357 -43.99 -10.82 -10.79
CA LYS B 357 -44.06 -9.42 -10.39
C LYS B 357 -45.51 -8.96 -10.17
N GLN B 358 -45.81 -8.28 -9.06
CA GLN B 358 -47.11 -7.76 -8.80
C GLN B 358 -47.04 -6.24 -8.70
N ASP B 359 -48.17 -5.59 -8.85
CA ASP B 359 -48.18 -4.17 -9.06
C ASP B 359 -47.92 -3.36 -7.78
N TRP B 360 -48.09 -3.98 -6.61
CA TRP B 360 -47.99 -3.27 -5.35
C TRP B 360 -46.52 -2.97 -4.99
N GLY B 361 -45.57 -3.58 -5.69
CA GLY B 361 -44.19 -3.38 -5.37
C GLY B 361 -43.35 -4.58 -5.68
N TYR B 362 -42.38 -4.86 -4.80
CA TYR B 362 -41.30 -5.81 -5.12
C TYR B 362 -41.21 -6.89 -4.10
N TYR B 363 -40.86 -8.08 -4.56
CA TYR B 363 -40.44 -9.10 -3.60
C TYR B 363 -38.91 -9.07 -3.49
N THR B 364 -38.42 -9.36 -2.28
CA THR B 364 -37.02 -9.80 -2.11
C THR B 364 -36.99 -11.10 -1.29
N ARG B 365 -35.86 -11.79 -1.36
CA ARG B 365 -35.66 -13.02 -0.61
C ARG B 365 -34.43 -12.97 0.30
N GLY B 366 -34.63 -13.33 1.55
CA GLY B 366 -33.57 -13.36 2.53
C GLY B 366 -32.77 -14.67 2.47
N LYS B 367 -31.77 -14.80 3.35
CA LYS B 367 -30.82 -15.91 3.29
C LYS B 367 -31.46 -17.21 3.73
N ASN B 368 -32.48 -17.13 4.56
CA ASN B 368 -33.14 -18.32 5.06
C ASN B 368 -34.54 -18.46 4.49
N ASP B 369 -34.70 -18.21 3.19
CA ASP B 369 -36.01 -18.29 2.48
C ASP B 369 -37.11 -17.36 3.00
N GLU B 370 -36.80 -16.34 3.77
CA GLU B 370 -37.78 -15.28 3.99
C GLU B 370 -38.17 -14.70 2.62
N VAL B 371 -39.46 -14.44 2.43
CA VAL B 371 -39.90 -13.66 1.27
C VAL B 371 -40.56 -12.38 1.74
N TYR B 372 -39.96 -11.28 1.32
CA TYR B 372 -40.40 -9.96 1.74
C TYR B 372 -41.25 -9.36 0.65
N MET B 373 -42.38 -8.80 1.03
CA MET B 373 -43.13 -8.00 0.14
C MET B 373 -42.85 -6.55 0.44
N VAL B 374 -42.31 -5.82 -0.55
CA VAL B 374 -42.06 -4.38 -0.30
C VAL B 374 -43.04 -3.55 -1.09
N VAL B 375 -43.94 -2.92 -0.36
CA VAL B 375 -45.11 -2.31 -0.96
C VAL B 375 -44.94 -0.81 -1.19
N PHE B 376 -44.93 -0.43 -2.45
CA PHE B 376 -44.87 0.97 -2.85
C PHE B 376 -46.20 1.56 -3.37
N ASN B 377 -47.10 0.69 -3.85
CA ASN B 377 -48.36 1.11 -4.43
C ASN B 377 -49.49 0.38 -3.69
N GLN B 378 -50.25 1.14 -2.89
CA GLN B 378 -51.22 0.60 -1.99
C GLN B 378 -52.55 0.39 -2.75
N PRO B 379 -53.02 -0.87 -2.85
CA PRO B 379 -54.28 -1.15 -3.56
C PRO B 379 -55.51 -0.66 -2.84
N TYR B 380 -56.37 0.06 -3.56
CA TYR B 380 -57.64 0.42 -3.01
C TYR B 380 -58.45 -0.82 -2.58
N SER B 381 -58.18 -1.97 -3.20
CA SER B 381 -58.89 -3.19 -2.84
C SER B 381 -58.54 -3.66 -1.43
N GLU B 382 -57.46 -3.13 -0.86
CA GLU B 382 -56.92 -3.53 0.45
C GLU B 382 -56.40 -4.93 0.51
N ARG B 383 -56.08 -5.47 -0.64
CA ARG B 383 -55.62 -6.82 -0.82
C ARG B 383 -54.41 -6.79 -1.73
N LEU B 384 -53.34 -7.43 -1.28
CA LEU B 384 -52.09 -7.55 -2.01
C LEU B 384 -51.99 -8.93 -2.63
N ILE B 385 -51.99 -8.97 -3.96
CA ILE B 385 -52.06 -10.27 -4.63
C ILE B 385 -50.73 -10.94 -4.55
N VAL B 386 -50.69 -12.21 -4.18
CA VAL B 386 -49.46 -12.96 -4.25
C VAL B 386 -49.72 -14.27 -4.99
N LYS B 387 -49.10 -14.42 -6.15
CA LYS B 387 -49.08 -15.62 -6.93
C LYS B 387 -47.77 -16.34 -6.69
N THR B 388 -47.85 -17.55 -6.13
CA THR B 388 -46.68 -18.33 -5.72
C THR B 388 -46.26 -19.23 -6.84
N PRO B 389 -44.97 -19.51 -6.97
CA PRO B 389 -44.56 -20.55 -7.92
C PRO B 389 -45.16 -21.92 -7.60
N LYS B 390 -45.12 -22.81 -8.58
CA LYS B 390 -45.59 -24.19 -8.44
C LYS B 390 -45.00 -24.76 -7.19
N GLY B 391 -45.83 -25.35 -6.34
CA GLY B 391 -45.32 -26.05 -5.16
C GLY B 391 -45.02 -25.18 -3.97
N ILE B 392 -45.29 -23.88 -4.04
CA ILE B 392 -44.93 -23.02 -2.91
C ILE B 392 -46.20 -22.55 -2.28
N THR B 393 -46.30 -22.63 -0.98
CA THR B 393 -47.45 -22.10 -0.28
C THR B 393 -47.02 -21.02 0.72
N VAL B 394 -47.94 -20.13 1.04
CA VAL B 394 -47.67 -19.11 1.98
C VAL B 394 -48.27 -19.53 3.29
N GLU B 395 -47.49 -19.59 4.34
CA GLU B 395 -48.01 -20.09 5.61
C GLU B 395 -48.35 -18.99 6.54
N LYS B 396 -47.72 -17.83 6.41
CA LYS B 396 -47.90 -16.74 7.36
C LYS B 396 -47.44 -15.44 6.72
N ALA B 397 -48.08 -14.35 7.12
CA ALA B 397 -47.62 -13.02 6.72
C ALA B 397 -47.54 -12.22 7.97
N THR B 398 -46.46 -11.41 8.05
CA THR B 398 -46.20 -10.58 9.24
C THR B 398 -45.77 -9.18 8.84
N LEU B 399 -46.31 -8.17 9.51
CA LEU B 399 -45.85 -6.83 9.30
C LEU B 399 -44.46 -6.70 9.98
N LEU B 400 -43.46 -6.37 9.17
CA LEU B 400 -42.08 -6.39 9.64
C LEU B 400 -41.89 -5.49 10.83
N THR B 401 -42.34 -4.25 10.78
CA THR B 401 -42.07 -3.36 11.89
C THR B 401 -42.65 -3.80 13.22
N THR B 402 -43.84 -4.36 13.22
CA THR B 402 -44.58 -4.58 14.46
CA THR B 402 -44.61 -4.58 14.46
C THR B 402 -44.69 -6.04 14.83
N GLY B 403 -44.43 -6.94 13.90
CA GLY B 403 -44.67 -8.35 14.15
C GLY B 403 -46.14 -8.74 14.11
N GLU B 404 -47.06 -7.82 13.81
CA GLU B 404 -48.45 -8.18 13.74
C GLU B 404 -48.75 -9.20 12.61
N ASP B 405 -49.72 -10.08 12.88
CA ASP B 405 -50.04 -11.13 11.93
C ASP B 405 -50.94 -10.52 10.87
N ILE B 406 -50.77 -10.93 9.64
CA ILE B 406 -51.51 -10.33 8.54
C ILE B 406 -52.26 -11.44 7.86
N THR B 407 -53.56 -11.21 7.66
CA THR B 407 -54.38 -12.30 7.11
C THR B 407 -53.96 -12.64 5.67
N VAL B 408 -53.86 -13.91 5.39
CA VAL B 408 -53.59 -14.45 4.06
C VAL B 408 -54.82 -15.27 3.62
N VAL B 409 -55.41 -14.96 2.47
CA VAL B 409 -56.64 -15.71 2.01
C VAL B 409 -56.34 -16.34 0.68
N GLU B 410 -56.54 -17.64 0.56
CA GLU B 410 -56.36 -18.26 -0.72
C GLU B 410 -57.48 -17.85 -1.68
N THR B 411 -57.15 -17.44 -2.89
CA THR B 411 -58.16 -17.05 -3.83
C THR B 411 -58.27 -18.08 -4.97
N THR B 412 -57.15 -18.59 -5.44
CA THR B 412 -57.13 -19.68 -6.38
C THR B 412 -56.02 -20.64 -6.00
N ARG B 413 -55.90 -21.67 -6.86
CA ARG B 413 -54.83 -22.67 -6.87
C ARG B 413 -53.46 -22.07 -6.51
N ASN B 414 -53.02 -21.03 -7.17
CA ASN B 414 -51.65 -20.55 -6.91
CA ASN B 414 -51.66 -20.56 -6.86
C ASN B 414 -51.62 -19.08 -6.50
N GLU B 415 -52.68 -18.62 -5.87
CA GLU B 415 -52.79 -17.21 -5.58
C GLU B 415 -53.46 -16.95 -4.27
N TYR B 416 -53.00 -15.90 -3.61
CA TYR B 416 -53.56 -15.43 -2.37
C TYR B 416 -53.76 -13.91 -2.41
N ASN B 417 -54.61 -13.45 -1.54
CA ASN B 417 -54.70 -12.04 -1.20
C ASN B 417 -54.11 -11.92 0.20
N VAL B 418 -53.05 -11.12 0.31
CA VAL B 418 -52.47 -10.79 1.58
C VAL B 418 -53.08 -9.46 1.92
N SER B 419 -53.67 -9.33 3.09
CA SER B 419 -54.34 -8.11 3.47
C SER B 419 -53.31 -7.00 3.74
N VAL B 420 -53.65 -5.75 3.43
CA VAL B 420 -52.88 -4.63 3.87
C VAL B 420 -53.06 -4.55 5.39
N PRO B 421 -52.14 -3.88 6.09
CA PRO B 421 -52.24 -3.76 7.54
C PRO B 421 -53.42 -2.91 7.90
N LYS B 422 -53.90 -3.10 9.11
CA LYS B 422 -55.11 -2.46 9.59
C LYS B 422 -54.93 -0.96 9.59
N LYS B 423 -53.75 -0.49 10.01
CA LYS B 423 -53.37 0.92 9.91
C LYS B 423 -52.38 1.08 8.75
N ASN B 424 -52.68 2.02 7.86
CA ASN B 424 -51.87 2.29 6.71
C ASN B 424 -50.50 2.73 7.24
N PRO B 425 -49.45 2.05 6.88
CA PRO B 425 -48.16 2.54 7.33
C PRO B 425 -47.75 3.93 6.83
N GLY B 426 -48.37 4.46 5.79
CA GLY B 426 -48.10 5.88 5.39
C GLY B 426 -46.76 6.06 4.70
N GLU B 427 -46.12 4.97 4.35
CA GLU B 427 -44.86 4.99 3.64
C GLU B 427 -44.66 3.60 3.02
N PRO B 428 -43.74 3.46 2.10
CA PRO B 428 -43.49 2.10 1.63
C PRO B 428 -43.12 1.17 2.79
N TYR B 429 -43.61 -0.05 2.78
CA TYR B 429 -43.53 -0.92 3.92
C TYR B 429 -43.27 -2.33 3.55
N VAL B 430 -42.98 -3.16 4.56
CA VAL B 430 -42.63 -4.54 4.32
C VAL B 430 -43.52 -5.48 5.08
N ILE B 431 -43.97 -6.51 4.34
CA ILE B 431 -44.66 -7.65 4.92
C ILE B 431 -43.79 -8.84 4.65
N GLN B 432 -43.50 -9.60 5.70
CA GLN B 432 -42.66 -10.77 5.53
C GLN B 432 -43.52 -12.01 5.46
N LEU B 433 -43.26 -12.83 4.48
CA LEU B 433 -43.96 -14.06 4.31
C LEU B 433 -43.10 -15.24 4.74
N LYS B 434 -43.73 -16.20 5.41
CA LYS B 434 -43.17 -17.56 5.64
C LYS B 434 -43.73 -18.44 4.58
N VAL B 435 -42.87 -19.00 3.74
CA VAL B 435 -43.33 -19.86 2.65
C VAL B 435 -42.81 -21.28 2.87
N ARG B 436 -43.46 -22.28 2.24
CA ARG B 436 -43.14 -23.70 2.45
C ARG B 436 -43.15 -24.29 1.06
N ALA B 437 -42.18 -25.16 0.78
CA ALA B 437 -42.05 -25.83 -0.51
C ALA B 437 -42.46 -27.26 -0.33
CAQ 16Z C . 28.25 -16.96 10.71
OAP 16Z C . 26.96 -17.28 10.06
CAM 16Z C . 25.93 -16.38 10.12
CAN 16Z C . 24.84 -16.60 9.26
CAO 16Z C . 23.76 -15.73 9.24
CAL 16Z C . 25.91 -15.28 10.99
CAK 16Z C . 24.82 -14.42 10.97
CAJ 16Z C . 23.73 -14.63 10.11
CAE 16Z C . 22.59 -13.74 10.04
CAG 16Z C . 22.09 -13.21 11.37
OAD 16Z C . 21.06 -14.07 11.88
CAA 16Z C . 21.62 -11.78 10.94
OAC 16Z C . 20.34 -11.82 10.18
CAF 16Z C . 22.79 -11.36 10.11
CAB 16Z C . 22.53 -10.02 9.45
NAH 16Z C . 22.85 -12.51 9.24
CAI 16Z C . 24.03 -12.49 8.36
N1 IMD D . 13.32 1.69 15.62
C2 IMD D . 12.11 1.69 15.02
N3 IMD D . 12.21 1.48 13.71
C4 IMD D . 13.55 1.31 13.45
C5 IMD D . 14.23 1.45 14.66
N1 IMD E . 12.54 -30.24 10.76
C2 IMD E . 13.69 -29.71 11.18
N3 IMD E . 14.49 -29.59 10.13
C4 IMD E . 13.86 -30.05 9.04
C5 IMD E . 12.61 -30.45 9.45
N1 IMD F . 40.05 17.92 0.12
C2 IMD F . 38.91 17.67 0.83
N3 IMD F . 38.01 18.64 0.52
C4 IMD F . 38.56 19.49 -0.41
C5 IMD F . 39.84 19.02 -0.67
S SO4 G . 28.86 -13.80 3.83
O1 SO4 G . 27.45 -14.11 3.49
O2 SO4 G . 29.23 -12.38 3.71
O3 SO4 G . 29.76 -14.58 2.97
O4 SO4 G . 29.04 -14.24 5.24
C1 GOL H . 24.71 -18.24 13.29
O1 GOL H . 25.51 -19.42 12.94
C2 GOL H . 25.63 -17.16 13.82
O2 GOL H . 26.62 -18.02 14.42
C3 GOL H . 25.00 -16.14 14.79
O3 GOL H . 24.23 -15.03 14.23
CAQ 16Z I . -22.69 10.75 -21.69
OAP 16Z I . -21.33 10.41 -21.38
CAM 16Z I . -21.01 10.30 -20.03
CAN 16Z I . -21.91 10.40 -18.95
CAO 16Z I . -21.40 10.22 -17.65
CAL 16Z I . -19.68 10.01 -19.79
CAK 16Z I . -19.18 9.84 -18.50
CAJ 16Z I . -20.03 9.97 -17.42
CAE 16Z I . -19.46 9.79 -16.11
CAG 16Z I . -19.94 10.88 -15.09
OAD 16Z I . -19.04 11.97 -15.05
CAA 16Z I . -19.98 10.09 -13.74
OAC 16Z I . -18.64 9.96 -13.18
CAF 16Z I . -20.53 8.73 -14.24
CAB 16Z I . -20.49 7.60 -13.21
NAH 16Z I . -19.73 8.45 -15.43
CAI 16Z I . -20.28 7.35 -16.26
N1 IMD J . -20.40 9.62 2.72
C2 IMD J . -21.17 10.62 3.19
N3 IMD J . -22.35 10.68 2.52
C4 IMD J . -22.33 9.69 1.58
C5 IMD J . -21.11 9.03 1.70
N1 IMD K . 0.69 -5.72 -26.01
C2 IMD K . -0.05 -6.02 -27.10
N3 IMD K . -0.65 -7.22 -26.91
C4 IMD K . -0.29 -7.67 -25.68
C5 IMD K . 0.55 -6.74 -25.11
S SO4 L . -20.35 2.53 -20.61
O1 SO4 L . -21.24 3.67 -20.66
O2 SO4 L . -20.65 1.73 -21.81
O3 SO4 L . -20.75 1.71 -19.41
O4 SO4 L . -18.96 3.12 -20.57
S SO4 M . -6.50 21.39 -23.37
O1 SO4 M . -7.87 21.36 -22.86
O2 SO4 M . -6.42 21.44 -24.86
O3 SO4 M . -5.87 22.61 -22.81
O4 SO4 M . -5.85 20.12 -22.98
S SO4 N . -28.88 3.71 -18.73
O1 SO4 N . -29.54 3.01 -17.58
O2 SO4 N . -29.93 4.36 -19.56
O3 SO4 N . -27.92 4.77 -18.34
O4 SO4 N . -28.11 2.70 -19.51
N1 EPE O . -24.75 19.60 -22.75
C2 EPE O . -25.97 19.57 -23.55
C3 EPE O . -26.16 18.27 -24.37
N4 EPE O . -25.85 17.10 -23.56
C5 EPE O . -24.68 17.13 -22.66
C6 EPE O . -24.52 18.46 -21.90
C7 EPE O . -26.70 15.90 -23.81
C8 EPE O . -26.56 14.72 -22.81
O8 EPE O . -27.44 14.91 -21.68
C9 EPE O . -23.90 20.80 -22.67
C10 EPE O . -24.89 21.94 -22.48
S EPE O . -24.43 23.15 -21.45
O1S EPE O . -25.67 23.83 -21.03
O2S EPE O . -23.65 24.16 -22.23
O3S EPE O . -23.74 22.65 -20.21
#